data_6LZY
#
_entry.id   6LZY
#
_cell.length_a   93.732
_cell.length_b   103.864
_cell.length_c   111.638
_cell.angle_alpha   90.000
_cell.angle_beta   90.000
_cell.angle_gamma   90.000
#
_symmetry.space_group_name_H-M   'P 21 21 21'
#
loop_
_entity.id
_entity.type
_entity.pdbx_description
1 polymer Glycosyltransferase
2 non-polymer 'BROMIDE ION'
3 non-polymer 1,2-ETHANEDIOL
4 non-polymer 'SODIUM ION'
5 non-polymer 1,4,7,10,13,16-HEXAOXACYCLOOCTADECANE
6 water water
#
_entity_poly.entity_id   1
_entity_poly.type   'polypeptide(L)'
_entity_poly.pdbx_seq_one_letter_code
;MNHKVHHHHHHLQENLYFQGMGAEPQQLHVVFFPIMAHGHMIPTLDIARLFAARNVRATIITTPLNAHTFTKAIEMGKKN
GSPTIHLELFKFPAQDVGLPEGCENLEQALGSSLIEKFFKGVGLLREQLEAYLEKTRPNCLVADMFFPWATDSAAKFNIP
RLVFHGTSFFSLCALEVVRLYEPHKNVSSDEELFSLPLFPHDIKMMRLQLPEDVWKHEKAEGKTRLKLIKESELKSYGVI
VNSFYELEPNYAEFFRKELGRRAWNIGPVSLCNRSTEDKAQRGKQTSIDEHECLKWLNSKKKNSVIYICFGSTAHQIAPQ
LYEIAMALEASGQEFIWVVRNNNNNDDDDDDSWLPRGFEQRVEGKGLIIRGWAPQVLILEHEAIGAFVTHCGWNSTLEGI
TAGVPMVTWPIFAEQFYNEKLVNQILKIGVPVGANKWSRETSIEDVIKKDAIEKALREIMVGDEAEERRSRAKKLKEMAW
KAVEEGGSSYSDLSALIEELRGYHA
;
_entity_poly.pdbx_strand_id   A,B
#
# COMPACT_ATOMS: atom_id res chain seq x y z
N GLN A 26 -5.00 -32.64 11.93
CA GLN A 26 -3.59 -32.20 12.04
C GLN A 26 -3.55 -30.70 12.35
N GLN A 27 -2.63 -30.26 13.23
CA GLN A 27 -2.60 -28.88 13.79
C GLN A 27 -2.01 -27.93 12.73
N LEU A 28 -2.42 -26.67 12.83
CA LEU A 28 -1.86 -25.51 12.08
C LEU A 28 -0.35 -25.44 12.34
N HIS A 29 0.45 -25.17 11.31
CA HIS A 29 1.92 -25.06 11.45
C HIS A 29 2.33 -23.66 11.02
N VAL A 30 3.00 -22.92 11.90
CA VAL A 30 3.56 -21.58 11.61
C VAL A 30 5.07 -21.63 11.79
N VAL A 31 5.78 -21.18 10.76
CA VAL A 31 7.26 -21.10 10.73
C VAL A 31 7.63 -19.64 11.00
N PHE A 32 8.57 -19.43 11.90
CA PHE A 32 9.07 -18.09 12.31
C PHE A 32 10.51 -17.98 11.82
N PHE A 33 10.85 -16.91 11.11
CA PHE A 33 12.16 -16.72 10.46
C PHE A 33 12.70 -15.35 10.82
N PRO A 34 13.32 -15.22 12.02
CA PRO A 34 13.84 -13.94 12.48
C PRO A 34 15.24 -13.71 11.90
N ILE A 35 15.61 -12.45 11.76
CA ILE A 35 17.04 -12.14 11.51
C ILE A 35 17.83 -12.49 12.78
N MET A 36 19.11 -12.79 12.60
CA MET A 36 20.04 -13.17 13.69
C MET A 36 20.50 -11.89 14.43
N ALA A 37 19.59 -11.29 15.21
CA ALA A 37 19.78 -10.16 16.15
C ALA A 37 19.04 -10.50 17.42
N HIS A 38 19.68 -10.35 18.57
CA HIS A 38 19.12 -10.74 19.90
C HIS A 38 17.73 -10.08 20.07
N GLY A 39 17.62 -8.83 19.64
CA GLY A 39 16.41 -8.00 19.74
C GLY A 39 15.23 -8.50 18.92
N HIS A 40 15.47 -9.31 17.88
CA HIS A 40 14.43 -9.94 17.01
C HIS A 40 14.21 -11.39 17.44
N MET A 41 15.28 -12.09 17.81
CA MET A 41 15.21 -13.54 18.16
C MET A 41 14.32 -13.74 19.39
N ILE A 42 14.51 -12.92 20.43
CA ILE A 42 13.84 -13.16 21.74
C ILE A 42 12.35 -12.91 21.59
N PRO A 43 11.88 -11.77 21.05
CA PRO A 43 10.46 -11.57 20.80
C PRO A 43 9.83 -12.60 19.86
N THR A 44 10.61 -13.08 18.87
CA THR A 44 10.11 -14.11 17.91
C THR A 44 9.84 -15.40 18.70
N LEU A 45 10.72 -15.77 19.61
CA LEU A 45 10.55 -16.97 20.46
C LEU A 45 9.27 -16.82 21.25
N ASP A 46 9.08 -15.64 21.87
CA ASP A 46 7.86 -15.32 22.67
C ASP A 46 6.61 -15.46 21.80
N ILE A 47 6.62 -14.99 20.55
CA ILE A 47 5.46 -15.15 19.63
C ILE A 47 5.24 -16.64 19.34
N ALA A 48 6.32 -17.37 19.05
CA ALA A 48 6.26 -18.83 18.78
C ALA A 48 5.58 -19.51 19.97
N ARG A 49 5.95 -19.10 21.18
CA ARG A 49 5.37 -19.65 22.44
C ARG A 49 3.89 -19.28 22.56
N LEU A 50 3.50 -18.06 22.22
CA LEU A 50 2.08 -17.60 22.25
C LEU A 50 1.27 -18.46 21.28
N PHE A 51 1.77 -18.71 20.07
CA PHE A 51 1.14 -19.59 19.07
C PHE A 51 1.05 -21.03 19.60
N ALA A 52 2.11 -21.51 20.24
CA ALA A 52 2.21 -22.92 20.72
C ALA A 52 1.12 -23.18 21.75
N ALA A 53 0.79 -22.16 22.55
CA ALA A 53 -0.18 -22.24 23.66
C ALA A 53 -1.63 -22.29 23.11
N ARG A 54 -1.84 -21.95 21.83
CA ARG A 54 -3.17 -22.09 21.16
C ARG A 54 -3.20 -23.37 20.33
N ASN A 55 -2.32 -24.31 20.66
CA ASN A 55 -2.18 -25.63 19.97
C ASN A 55 -1.74 -25.43 18.51
N VAL A 56 -0.88 -24.45 18.24
CA VAL A 56 -0.28 -24.29 16.88
C VAL A 56 1.13 -24.87 16.93
N ARG A 57 1.50 -25.71 15.97
CA ARG A 57 2.90 -26.18 15.81
C ARG A 57 3.72 -24.94 15.41
N ALA A 58 4.77 -24.64 16.15
CA ALA A 58 5.64 -23.47 15.94
C ALA A 58 7.06 -23.96 15.68
N THR A 59 7.64 -23.59 14.55
CA THR A 59 9.06 -23.84 14.23
C THR A 59 9.76 -22.50 14.08
N ILE A 60 10.95 -22.38 14.65
CA ILE A 60 11.85 -21.19 14.48
C ILE A 60 13.03 -21.61 13.65
N ILE A 61 13.32 -20.84 12.61
CA ILE A 61 14.55 -21.00 11.78
C ILE A 61 15.66 -20.15 12.42
N THR A 62 16.84 -20.73 12.60
CA THR A 62 18.02 -20.04 13.17
C THR A 62 19.25 -20.63 12.49
N THR A 63 20.42 -20.27 12.98
CA THR A 63 21.71 -20.77 12.49
C THR A 63 22.42 -21.43 13.64
N PRO A 64 23.39 -22.32 13.35
CA PRO A 64 24.12 -23.06 14.38
C PRO A 64 24.67 -22.22 15.55
N LEU A 65 25.30 -21.08 15.30
CA LEU A 65 25.96 -20.29 16.38
C LEU A 65 24.92 -19.51 17.19
N ASN A 66 23.67 -19.45 16.72
CA ASN A 66 22.58 -18.72 17.44
C ASN A 66 21.64 -19.71 18.15
N ALA A 67 21.69 -21.00 17.84
CA ALA A 67 20.75 -22.01 18.39
C ALA A 67 20.75 -21.98 19.93
N HIS A 68 21.90 -21.85 20.57
CA HIS A 68 22.05 -21.83 22.06
C HIS A 68 21.10 -20.80 22.69
N THR A 69 20.87 -19.66 22.03
CA THR A 69 19.99 -18.56 22.52
C THR A 69 18.59 -19.11 22.75
N PHE A 70 18.11 -19.92 21.81
CA PHE A 70 16.77 -20.56 21.82
C PHE A 70 16.77 -21.78 22.74
N THR A 71 17.76 -22.67 22.59
CA THR A 71 17.82 -23.95 23.36
C THR A 71 17.72 -23.62 24.86
N LYS A 72 18.62 -22.77 25.34
CA LYS A 72 18.66 -22.28 26.74
C LYS A 72 17.27 -21.73 27.11
N ALA A 73 16.82 -20.68 26.42
CA ALA A 73 15.59 -19.91 26.72
C ALA A 73 14.34 -20.82 26.68
N ILE A 74 14.29 -21.82 25.78
CA ILE A 74 13.18 -22.82 25.70
C ILE A 74 13.14 -23.61 27.02
N GLU A 75 14.24 -24.30 27.35
CA GLU A 75 14.36 -25.23 28.52
C GLU A 75 14.23 -24.46 29.83
N MET A 76 14.75 -23.22 29.89
CA MET A 76 14.69 -22.30 31.06
C MET A 76 13.27 -21.72 31.23
N GLY A 77 12.34 -22.03 30.32
CA GLY A 77 10.89 -21.75 30.44
C GLY A 77 10.02 -22.96 30.13
N LYS A 78 10.62 -24.17 30.01
CA LYS A 78 9.90 -25.46 29.75
C LYS A 78 9.96 -26.32 31.02
N LYS A 79 9.79 -27.64 30.88
CA LYS A 79 9.75 -28.66 31.97
C LYS A 79 8.49 -28.49 32.82
N ASN A 80 7.48 -27.79 32.30
CA ASN A 80 6.18 -27.52 32.98
C ASN A 80 5.04 -28.06 32.11
N GLY A 81 5.34 -28.95 31.16
CA GLY A 81 4.40 -29.49 30.16
C GLY A 81 4.03 -28.46 29.09
N SER A 82 4.83 -27.39 28.99
CA SER A 82 4.70 -26.29 27.99
C SER A 82 4.85 -26.86 26.59
N PRO A 83 4.04 -26.43 25.59
CA PRO A 83 4.12 -27.03 24.26
C PRO A 83 5.50 -26.77 23.62
N THR A 84 5.87 -27.63 22.67
CA THR A 84 7.26 -27.74 22.15
C THR A 84 7.45 -26.82 20.94
N ILE A 85 8.48 -25.98 21.00
CA ILE A 85 9.00 -25.14 19.88
C ILE A 85 10.09 -25.96 19.19
N HIS A 86 9.94 -26.23 17.89
CA HIS A 86 10.97 -26.87 17.05
C HIS A 86 11.92 -25.79 16.52
N LEU A 87 13.20 -26.13 16.41
CA LEU A 87 14.24 -25.34 15.71
C LEU A 87 14.60 -26.02 14.40
N GLU A 88 14.79 -25.22 13.36
CA GLU A 88 15.42 -25.65 12.09
C GLU A 88 16.70 -24.80 11.92
N LEU A 89 17.83 -25.41 11.61
CA LEU A 89 19.12 -24.72 11.41
C LEU A 89 19.38 -24.52 9.92
N PHE A 90 19.65 -23.28 9.52
CA PHE A 90 20.17 -22.94 8.17
C PHE A 90 21.65 -22.64 8.28
N LYS A 91 22.38 -22.95 7.23
CA LYS A 91 23.80 -22.56 7.09
C LYS A 91 23.83 -21.08 6.68
N PHE A 92 24.56 -20.27 7.42
CA PHE A 92 24.85 -18.86 7.11
C PHE A 92 26.10 -18.79 6.24
N PRO A 93 26.00 -18.25 4.99
CA PRO A 93 27.12 -18.28 4.06
C PRO A 93 28.13 -17.15 4.34
N ALA A 94 28.81 -17.25 5.48
CA ALA A 94 29.80 -16.26 5.96
C ALA A 94 30.95 -16.12 4.97
N GLN A 95 31.57 -17.25 4.57
CA GLN A 95 32.76 -17.25 3.67
C GLN A 95 32.39 -16.55 2.37
N ASP A 96 31.23 -16.95 1.84
CA ASP A 96 30.63 -16.52 0.55
C ASP A 96 30.60 -14.99 0.46
N VAL A 97 30.33 -14.29 1.56
CA VAL A 97 30.20 -12.80 1.54
C VAL A 97 31.42 -12.15 2.20
N GLY A 98 32.42 -12.95 2.60
CA GLY A 98 33.69 -12.42 3.16
C GLY A 98 33.64 -12.06 4.64
N LEU A 99 32.70 -12.65 5.39
CA LEU A 99 32.58 -12.49 6.86
C LEU A 99 33.39 -13.59 7.53
N PRO A 100 33.96 -13.33 8.72
CA PRO A 100 34.49 -14.39 9.57
C PRO A 100 33.40 -15.48 9.77
N GLU A 101 33.84 -16.72 9.77
CA GLU A 101 32.98 -17.90 10.09
C GLU A 101 32.15 -17.66 11.35
N GLY A 102 32.71 -16.96 12.34
CA GLY A 102 32.10 -16.70 13.67
C GLY A 102 31.05 -15.61 13.65
N CYS A 103 30.86 -14.93 12.53
CA CYS A 103 29.96 -13.76 12.40
C CYS A 103 28.58 -14.17 11.85
N GLU A 104 27.74 -14.79 12.68
CA GLU A 104 26.40 -15.29 12.29
C GLU A 104 25.32 -14.44 12.98
N ASN A 105 25.65 -13.30 13.56
CA ASN A 105 24.75 -12.42 14.34
C ASN A 105 25.03 -10.97 13.92
N LEU A 106 24.00 -10.14 13.82
CA LEU A 106 24.09 -8.69 13.48
C LEU A 106 24.97 -7.94 14.49
N GLU A 107 25.06 -8.39 15.74
CA GLU A 107 25.85 -7.73 16.81
C GLU A 107 27.34 -7.82 16.49
N GLN A 108 27.78 -8.88 15.80
CA GLN A 108 29.21 -9.10 15.42
C GLN A 108 29.61 -8.29 14.18
N ALA A 109 28.65 -7.70 13.46
CA ALA A 109 28.89 -6.99 12.18
C ALA A 109 29.04 -5.51 12.49
N LEU A 110 30.16 -5.10 13.09
CA LEU A 110 30.45 -3.69 13.46
C LEU A 110 31.37 -3.10 12.36
N GLY A 111 31.02 -1.89 11.89
CA GLY A 111 31.67 -1.23 10.75
C GLY A 111 30.82 -1.34 9.51
N SER A 112 30.83 -0.30 8.66
CA SER A 112 30.05 -0.18 7.41
C SER A 112 30.24 -1.43 6.54
N SER A 113 31.50 -1.87 6.36
CA SER A 113 31.90 -3.03 5.52
C SER A 113 31.11 -4.28 5.95
N LEU A 114 31.21 -4.61 7.25
CA LEU A 114 30.71 -5.86 7.87
C LEU A 114 29.18 -5.93 7.79
N ILE A 115 28.48 -4.84 8.13
CA ILE A 115 26.99 -4.76 8.11
C ILE A 115 26.46 -5.07 6.71
N GLU A 116 27.03 -4.45 5.66
CA GLU A 116 26.62 -4.63 4.24
C GLU A 116 26.79 -6.12 3.86
N LYS A 117 27.87 -6.71 4.34
CA LYS A 117 28.19 -8.13 4.01
C LYS A 117 27.19 -9.03 4.73
N PHE A 118 26.90 -8.70 5.98
CA PHE A 118 25.90 -9.43 6.79
C PHE A 118 24.56 -9.44 6.05
N PHE A 119 24.12 -8.32 5.49
CA PHE A 119 22.82 -8.25 4.77
C PHE A 119 22.87 -9.03 3.46
N LYS A 120 24.00 -8.99 2.75
CA LYS A 120 24.15 -9.85 1.54
C LYS A 120 24.04 -11.32 1.97
N GLY A 121 24.67 -11.67 3.10
CA GLY A 121 24.67 -13.04 3.66
C GLY A 121 23.27 -13.54 3.92
N VAL A 122 22.47 -12.73 4.62
CA VAL A 122 21.11 -13.17 5.04
C VAL A 122 20.24 -13.26 3.79
N GLY A 123 20.47 -12.40 2.80
CA GLY A 123 19.78 -12.46 1.50
C GLY A 123 19.99 -13.79 0.79
N LEU A 124 21.17 -14.39 0.95
CA LEU A 124 21.52 -15.71 0.33
C LEU A 124 20.90 -16.87 1.11
N LEU A 125 20.08 -16.62 2.14
CA LEU A 125 19.32 -17.72 2.81
C LEU A 125 18.08 -18.10 2.00
N ARG A 126 17.75 -17.38 0.93
CA ARG A 126 16.49 -17.56 0.17
C ARG A 126 16.40 -19.01 -0.34
N GLU A 127 17.50 -19.54 -0.88
CA GLU A 127 17.51 -20.91 -1.46
C GLU A 127 17.07 -21.90 -0.38
N GLN A 128 17.64 -21.80 0.83
CA GLN A 128 17.33 -22.69 1.97
C GLN A 128 15.88 -22.47 2.44
N LEU A 129 15.41 -21.21 2.49
CA LEU A 129 14.01 -20.97 2.92
C LEU A 129 13.06 -21.67 1.94
N GLU A 130 13.29 -21.50 0.65
CA GLU A 130 12.37 -22.05 -0.40
C GLU A 130 12.36 -23.58 -0.33
N ALA A 131 13.50 -24.23 -0.10
CA ALA A 131 13.64 -25.71 -0.01
C ALA A 131 12.91 -26.16 1.24
N TYR A 132 13.03 -25.40 2.34
CA TYR A 132 12.38 -25.76 3.62
C TYR A 132 10.85 -25.67 3.48
N LEU A 133 10.33 -24.62 2.84
CA LEU A 133 8.87 -24.42 2.67
C LEU A 133 8.33 -25.50 1.73
N GLU A 134 9.03 -25.78 0.62
CA GLU A 134 8.64 -26.86 -0.34
C GLU A 134 8.47 -28.18 0.42
N LYS A 135 9.44 -28.49 1.29
CA LYS A 135 9.50 -29.72 2.11
C LYS A 135 8.39 -29.76 3.17
N THR A 136 8.20 -28.69 3.94
CA THR A 136 7.38 -28.70 5.19
C THR A 136 5.94 -28.24 4.88
N ARG A 137 5.74 -27.38 3.88
CA ARG A 137 4.39 -26.82 3.55
C ARG A 137 3.66 -26.36 4.80
N PRO A 138 4.18 -25.39 5.58
CA PRO A 138 3.44 -24.85 6.72
C PRO A 138 2.27 -23.96 6.27
N ASN A 139 1.39 -23.60 7.21
CA ASN A 139 0.19 -22.77 6.93
C ASN A 139 0.55 -21.28 6.86
N CYS A 140 1.63 -20.84 7.51
CA CYS A 140 2.02 -19.41 7.52
C CYS A 140 3.51 -19.26 7.83
N LEU A 141 4.14 -18.28 7.20
CA LEU A 141 5.54 -17.88 7.44
C LEU A 141 5.52 -16.50 8.12
N VAL A 142 5.96 -16.41 9.36
CA VAL A 142 6.26 -15.10 10.03
C VAL A 142 7.74 -14.81 9.82
N ALA A 143 8.05 -13.84 8.98
CA ALA A 143 9.43 -13.53 8.52
C ALA A 143 9.77 -12.12 8.97
N ASP A 144 11.01 -11.99 9.40
CA ASP A 144 11.59 -10.70 9.84
C ASP A 144 11.36 -9.62 8.77
N MET A 145 11.06 -8.41 9.24
CA MET A 145 11.08 -7.20 8.39
C MET A 145 12.30 -7.19 7.43
N PHE A 146 13.46 -7.67 7.87
CA PHE A 146 14.70 -7.56 7.05
C PHE A 146 14.71 -8.58 5.88
N PHE A 147 13.66 -9.40 5.72
CA PHE A 147 13.55 -10.39 4.61
C PHE A 147 12.39 -10.03 3.69
N PRO A 148 12.41 -8.92 2.94
CA PRO A 148 11.25 -8.52 2.12
C PRO A 148 10.89 -9.58 1.07
N TRP A 149 11.92 -10.27 0.57
CA TRP A 149 11.80 -11.36 -0.45
C TRP A 149 11.07 -12.59 0.09
N ALA A 150 10.87 -12.71 1.41
CA ALA A 150 10.22 -13.89 2.00
C ALA A 150 8.76 -13.95 1.55
N THR A 151 8.16 -12.81 1.19
CA THR A 151 6.75 -12.80 0.72
C THR A 151 6.61 -13.66 -0.53
N ASP A 152 7.45 -13.41 -1.52
CA ASP A 152 7.47 -14.14 -2.83
C ASP A 152 7.88 -15.60 -2.60
N SER A 153 8.85 -15.85 -1.72
CA SER A 153 9.27 -17.24 -1.36
C SER A 153 8.07 -18.04 -0.85
N ALA A 154 7.26 -17.47 0.04
CA ALA A 154 6.08 -18.14 0.63
C ALA A 154 4.98 -18.27 -0.43
N ALA A 155 4.78 -17.25 -1.27
CA ALA A 155 3.78 -17.23 -2.36
C ALA A 155 4.02 -18.42 -3.32
N LYS A 156 5.27 -18.79 -3.60
CA LYS A 156 5.61 -19.93 -4.49
C LYS A 156 4.83 -21.20 -4.08
N PHE A 157 4.50 -21.34 -2.79
CA PHE A 157 3.80 -22.52 -2.23
C PHE A 157 2.43 -22.13 -1.65
N ASN A 158 1.89 -20.98 -2.08
CA ASN A 158 0.56 -20.45 -1.66
C ASN A 158 0.49 -20.40 -0.12
N ILE A 159 1.57 -19.94 0.51
CA ILE A 159 1.66 -19.75 1.98
C ILE A 159 1.61 -18.25 2.27
N PRO A 160 0.72 -17.79 3.18
CA PRO A 160 0.68 -16.37 3.54
C PRO A 160 1.94 -16.02 4.35
N ARG A 161 2.49 -14.83 4.10
CA ARG A 161 3.64 -14.29 4.87
C ARG A 161 3.20 -13.10 5.73
N LEU A 162 3.53 -13.16 7.02
CA LEU A 162 3.43 -12.04 7.99
C LEU A 162 4.80 -11.41 8.18
N VAL A 163 4.82 -10.10 8.30
CA VAL A 163 6.03 -9.31 8.61
C VAL A 163 6.07 -9.08 10.12
N PHE A 164 7.23 -9.32 10.73
CA PHE A 164 7.47 -8.93 12.14
C PHE A 164 8.70 -8.02 12.24
N HIS A 165 8.51 -6.84 12.86
CA HIS A 165 9.55 -5.79 13.03
C HIS A 165 10.10 -5.72 14.46
N GLY A 166 9.29 -6.05 15.45
CA GLY A 166 9.68 -5.99 16.87
C GLY A 166 9.68 -4.56 17.39
N THR A 167 8.92 -3.64 16.80
CA THR A 167 8.85 -2.23 17.27
C THR A 167 7.41 -1.75 17.45
N SER A 168 7.29 -0.52 17.89
CA SER A 168 5.99 0.15 18.21
C SER A 168 5.22 0.50 16.93
N PHE A 169 3.90 0.64 17.01
CA PHE A 169 3.09 1.24 15.92
C PHE A 169 3.64 2.62 15.61
N PHE A 170 3.96 3.39 16.64
CA PHE A 170 4.47 4.78 16.45
C PHE A 170 5.65 4.73 15.50
N SER A 171 6.64 3.89 15.76
CA SER A 171 7.89 3.80 14.93
C SER A 171 7.54 3.38 13.49
N LEU A 172 6.65 2.40 13.34
CA LEU A 172 6.25 1.89 12.00
C LEU A 172 5.64 3.02 11.19
N CYS A 173 4.81 3.87 11.85
CA CYS A 173 4.12 5.04 11.22
C CYS A 173 5.14 6.14 10.95
N ALA A 174 5.97 6.50 11.92
CA ALA A 174 6.92 7.63 11.84
C ALA A 174 7.90 7.38 10.72
N LEU A 175 8.45 6.16 10.65
CA LEU A 175 9.50 5.84 9.65
C LEU A 175 8.88 6.04 8.27
N GLU A 176 7.64 5.57 8.14
CA GLU A 176 6.95 5.56 6.83
C GLU A 176 6.60 6.99 6.43
N VAL A 177 6.13 7.83 7.36
CA VAL A 177 5.75 9.24 7.03
C VAL A 177 7.03 9.99 6.69
N VAL A 178 8.14 9.72 7.37
CA VAL A 178 9.45 10.38 7.06
C VAL A 178 9.90 9.92 5.68
N ARG A 179 9.79 8.62 5.38
CA ARG A 179 10.27 8.09 4.06
C ARG A 179 9.47 8.74 2.92
N LEU A 180 8.16 8.84 3.07
CA LEU A 180 7.26 9.26 1.95
C LEU A 180 7.28 10.78 1.80
N TYR A 181 7.25 11.54 2.91
CA TYR A 181 6.96 13.00 2.90
C TYR A 181 8.26 13.81 3.11
N GLU A 182 9.39 13.16 3.44
CA GLU A 182 10.74 13.76 3.54
C GLU A 182 10.72 15.14 4.18
N PRO A 183 10.18 15.32 5.40
CA PRO A 183 10.06 16.64 6.02
C PRO A 183 11.43 17.32 6.25
N HIS A 184 12.49 16.51 6.23
CA HIS A 184 13.89 16.91 6.52
C HIS A 184 14.58 17.54 5.30
N LYS A 185 13.98 17.44 4.09
CA LYS A 185 14.55 17.99 2.84
C LYS A 185 14.35 19.51 2.79
N ASN A 186 13.33 20.01 3.51
CA ASN A 186 12.96 21.45 3.64
C ASN A 186 13.64 22.03 4.89
N VAL A 187 14.94 21.77 5.05
CA VAL A 187 15.75 22.16 6.24
C VAL A 187 17.05 22.73 5.68
N SER A 188 17.81 23.46 6.51
CA SER A 188 19.10 24.08 6.09
C SER A 188 20.24 23.74 7.05
N SER A 189 19.96 23.20 8.24
CA SER A 189 20.98 22.94 9.30
C SER A 189 20.72 21.59 10.00
N ASP A 190 21.77 21.08 10.66
CA ASP A 190 21.82 19.83 11.47
C ASP A 190 20.67 19.75 12.48
N GLU A 191 20.39 20.86 13.18
CA GLU A 191 19.61 20.90 14.45
C GLU A 191 18.26 21.58 14.23
N GLU A 192 17.94 22.00 13.00
CA GLU A 192 16.65 22.65 12.70
C GLU A 192 15.53 21.62 12.90
N LEU A 193 14.53 21.98 13.71
CA LEU A 193 13.36 21.13 14.06
C LEU A 193 12.33 21.15 12.93
N PHE A 194 11.81 19.98 12.54
CA PHE A 194 10.65 19.82 11.62
C PHE A 194 9.63 18.91 12.31
N SER A 195 8.35 19.11 12.01
CA SER A 195 7.22 18.31 12.53
C SER A 195 7.05 17.03 11.72
N LEU A 196 6.60 15.94 12.35
CA LEU A 196 6.17 14.72 11.64
C LEU A 196 4.81 15.00 11.04
N PRO A 197 4.72 14.90 9.70
CA PRO A 197 3.55 15.33 8.92
C PRO A 197 2.03 15.14 9.17
N LEU A 198 1.48 13.94 9.35
CA LEU A 198 0.01 13.78 9.35
C LEU A 198 -0.47 13.42 10.77
N PHE A 199 0.47 13.27 11.70
CA PHE A 199 0.25 12.65 13.04
C PHE A 199 -0.68 13.53 13.86
N PRO A 200 -1.52 12.91 14.72
CA PRO A 200 -2.40 13.67 15.60
C PRO A 200 -1.67 14.28 16.82
N HIS A 201 -0.38 13.96 16.99
CA HIS A 201 0.52 14.67 17.94
C HIS A 201 1.53 15.48 17.14
N ASP A 202 1.96 16.60 17.70
CA ASP A 202 3.00 17.47 17.08
C ASP A 202 4.36 16.98 17.57
N ILE A 203 5.14 16.34 16.72
CA ILE A 203 6.41 15.68 17.13
C ILE A 203 7.55 16.33 16.35
N LYS A 204 8.46 16.97 17.05
CA LYS A 204 9.53 17.73 16.37
C LYS A 204 10.82 16.92 16.46
N MET A 205 11.51 16.78 15.32
CA MET A 205 12.81 16.08 15.18
C MET A 205 13.75 16.95 14.35
N MET A 206 15.02 16.58 14.39
CA MET A 206 16.13 17.18 13.59
C MET A 206 16.75 16.06 12.74
N ARG A 207 17.43 16.42 11.67
CA ARG A 207 18.22 15.52 10.80
C ARG A 207 19.20 14.68 11.62
N LEU A 208 19.81 15.23 12.67
CA LEU A 208 20.82 14.51 13.49
C LEU A 208 20.26 13.16 13.99
N GLN A 209 18.94 13.11 14.19
CA GLN A 209 18.24 11.95 14.80
C GLN A 209 17.94 10.88 13.75
N LEU A 210 18.25 11.14 12.47
CA LEU A 210 18.03 10.21 11.32
C LEU A 210 19.38 9.67 10.87
N PRO A 211 19.41 8.44 10.31
CA PRO A 211 20.66 7.86 9.78
C PRO A 211 21.28 8.77 8.71
N GLU A 212 22.62 8.87 8.71
CA GLU A 212 23.38 9.84 7.87
C GLU A 212 23.27 9.48 6.38
N ASP A 213 22.95 8.23 6.02
CA ASP A 213 22.71 7.83 4.61
C ASP A 213 21.50 8.62 4.06
N VAL A 214 20.39 8.65 4.80
CA VAL A 214 19.09 9.24 4.33
C VAL A 214 19.23 10.75 4.09
N TRP A 215 20.00 11.50 4.91
CA TRP A 215 19.93 12.99 4.93
C TRP A 215 21.19 13.66 4.36
N LYS A 216 22.40 13.12 4.57
CA LYS A 216 23.68 13.81 4.22
C LYS A 216 24.22 13.29 2.88
N HIS A 217 24.78 12.09 2.86
CA HIS A 217 25.38 11.44 1.66
C HIS A 217 24.51 10.26 1.23
N GLU A 218 23.62 10.48 0.26
CA GLU A 218 22.68 9.52 -0.36
C GLU A 218 23.38 8.19 -0.69
N LYS A 219 23.03 7.09 0.01
CA LYS A 219 23.50 5.71 -0.27
C LYS A 219 22.28 4.81 -0.53
N ALA A 220 22.03 4.52 -1.81
CA ALA A 220 20.90 3.72 -2.32
C ALA A 220 20.77 2.40 -1.55
N GLU A 221 21.87 1.81 -1.05
CA GLU A 221 21.88 0.48 -0.37
C GLU A 221 20.92 0.49 0.83
N GLY A 222 21.24 1.26 1.86
CA GLY A 222 20.39 1.46 3.05
C GLY A 222 19.02 2.00 2.66
N LYS A 223 18.97 2.91 1.68
CA LYS A 223 17.71 3.54 1.23
C LYS A 223 16.84 2.51 0.49
N THR A 224 17.44 1.68 -0.35
CA THR A 224 16.69 0.62 -1.08
C THR A 224 16.22 -0.42 -0.06
N ARG A 225 17.03 -0.72 0.94
CA ARG A 225 16.68 -1.74 1.97
C ARG A 225 15.43 -1.27 2.72
N LEU A 226 15.39 -0.02 3.17
CA LEU A 226 14.23 0.51 3.93
C LEU A 226 12.99 0.52 3.01
N LYS A 227 13.15 0.93 1.76
CA LYS A 227 12.04 0.99 0.79
C LYS A 227 11.41 -0.41 0.67
N LEU A 228 12.22 -1.44 0.46
CA LEU A 228 11.71 -2.81 0.26
C LEU A 228 11.09 -3.32 1.57
N ILE A 229 11.62 -2.94 2.73
CA ILE A 229 11.02 -3.35 4.04
C ILE A 229 9.61 -2.75 4.13
N LYS A 230 9.48 -1.45 3.91
CA LYS A 230 8.19 -0.74 4.12
C LYS A 230 7.18 -1.25 3.08
N GLU A 231 7.63 -1.47 1.86
CA GLU A 231 6.77 -2.02 0.78
C GLU A 231 6.29 -3.43 1.16
N SER A 232 7.10 -4.22 1.83
CA SER A 232 6.71 -5.60 2.21
C SER A 232 5.47 -5.57 3.11
N GLU A 233 5.25 -4.49 3.82
CA GLU A 233 4.12 -4.37 4.78
C GLU A 233 2.80 -4.40 4.01
N LEU A 234 2.74 -3.85 2.80
CA LEU A 234 1.51 -3.85 1.95
C LEU A 234 1.51 -5.08 1.04
N LYS A 235 2.67 -5.56 0.60
CA LYS A 235 2.73 -6.69 -0.39
C LYS A 235 2.43 -8.02 0.30
N SER A 236 2.67 -8.11 1.60
CA SER A 236 2.55 -9.38 2.40
C SER A 236 1.11 -9.52 2.85
N TYR A 237 0.78 -10.59 3.55
CA TYR A 237 -0.58 -10.81 4.07
C TYR A 237 -0.87 -9.80 5.19
N GLY A 238 0.15 -9.41 5.94
CA GLY A 238 -0.01 -8.40 7.00
C GLY A 238 1.15 -8.40 7.97
N VAL A 239 0.94 -7.74 9.10
CA VAL A 239 2.01 -7.33 10.04
C VAL A 239 1.60 -7.81 11.43
N ILE A 240 2.45 -8.59 12.10
CA ILE A 240 2.31 -8.85 13.56
C ILE A 240 3.08 -7.76 14.31
N VAL A 241 2.45 -7.16 15.32
CA VAL A 241 3.06 -6.05 16.09
C VAL A 241 3.14 -6.41 17.57
N ASN A 242 4.35 -6.29 18.13
CA ASN A 242 4.61 -6.48 19.58
C ASN A 242 4.24 -5.19 20.30
N SER A 243 2.96 -4.87 20.34
CA SER A 243 2.44 -3.71 21.11
C SER A 243 0.99 -4.03 21.48
N PHE A 244 0.39 -3.21 22.33
CA PHE A 244 -1.04 -3.35 22.68
C PHE A 244 -1.76 -2.07 22.26
N TYR A 245 -2.99 -2.29 21.78
CA TYR A 245 -3.86 -1.23 21.24
C TYR A 245 -3.89 -0.04 22.21
N GLU A 246 -4.15 -0.32 23.49
CA GLU A 246 -4.44 0.73 24.50
C GLU A 246 -3.19 1.55 24.79
N LEU A 247 -1.99 1.02 24.50
CA LEU A 247 -0.70 1.75 24.63
C LEU A 247 -0.61 2.92 23.65
N GLU A 248 -0.97 2.74 22.39
CA GLU A 248 -0.75 3.78 21.35
C GLU A 248 -1.91 3.74 20.36
N PRO A 249 -3.16 3.99 20.83
CA PRO A 249 -4.36 3.79 20.00
C PRO A 249 -4.35 4.58 18.68
N ASN A 250 -3.86 5.82 18.68
CA ASN A 250 -3.82 6.71 17.50
C ASN A 250 -2.95 6.10 16.40
N TYR A 251 -1.91 5.36 16.80
CA TYR A 251 -0.89 4.81 15.85
C TYR A 251 -1.25 3.38 15.48
N ALA A 252 -1.89 2.63 16.36
CA ALA A 252 -2.52 1.33 16.01
C ALA A 252 -3.55 1.57 14.90
N GLU A 253 -4.29 2.68 14.98
CA GLU A 253 -5.32 3.01 13.95
C GLU A 253 -4.61 3.54 12.70
N PHE A 254 -3.67 4.45 12.87
CA PHE A 254 -2.99 5.17 11.76
C PHE A 254 -2.32 4.16 10.83
N PHE A 255 -1.67 3.15 11.43
CA PHE A 255 -0.93 2.11 10.69
C PHE A 255 -1.90 1.34 9.78
N ARG A 256 -3.11 1.10 10.28
CA ARG A 256 -4.13 0.29 9.56
C ARG A 256 -4.95 1.18 8.62
N LYS A 257 -5.24 2.42 8.98
CA LYS A 257 -6.19 3.27 8.21
C LYS A 257 -5.39 4.12 7.21
N GLU A 258 -4.73 5.18 7.69
CA GLU A 258 -3.94 6.09 6.85
C GLU A 258 -2.89 5.32 6.04
N LEU A 259 -2.22 4.32 6.64
CA LEU A 259 -1.11 3.64 5.92
C LEU A 259 -1.56 2.30 5.33
N GLY A 260 -2.78 1.85 5.64
CA GLY A 260 -3.42 0.73 4.91
C GLY A 260 -2.86 -0.64 5.24
N ARG A 261 -2.14 -0.83 6.33
CA ARG A 261 -1.57 -2.15 6.69
C ARG A 261 -2.65 -3.00 7.36
N ARG A 262 -2.61 -4.30 7.11
CA ARG A 262 -3.41 -5.30 7.86
C ARG A 262 -2.51 -5.74 9.01
N ALA A 263 -2.95 -5.58 10.25
CA ALA A 263 -2.05 -5.73 11.40
C ALA A 263 -2.77 -6.39 12.55
N TRP A 264 -2.02 -7.11 13.37
CA TRP A 264 -2.51 -7.65 14.65
C TRP A 264 -1.54 -7.21 15.74
N ASN A 265 -2.09 -6.62 16.80
CA ASN A 265 -1.32 -6.23 18.00
C ASN A 265 -1.47 -7.35 19.04
N ILE A 266 -0.37 -8.02 19.41
CA ILE A 266 -0.44 -9.24 20.25
C ILE A 266 0.49 -9.15 21.47
N GLY A 267 1.04 -7.98 21.75
CA GLY A 267 2.06 -7.78 22.79
C GLY A 267 1.47 -7.18 24.07
N PRO A 268 2.29 -6.91 25.10
CA PRO A 268 3.72 -7.26 25.11
C PRO A 268 3.91 -8.77 25.10
N VAL A 269 4.68 -9.29 24.15
CA VAL A 269 4.79 -10.76 23.97
C VAL A 269 5.60 -11.39 25.11
N SER A 270 6.42 -10.61 25.81
CA SER A 270 7.27 -11.08 26.94
C SER A 270 6.42 -11.49 28.16
N LEU A 271 5.13 -11.14 28.22
CA LEU A 271 4.24 -11.53 29.33
C LEU A 271 3.75 -12.97 29.14
N CYS A 272 4.12 -13.67 28.06
CA CYS A 272 3.51 -14.98 27.69
C CYS A 272 3.77 -16.02 28.79
N ASN A 273 5.04 -16.21 29.19
CA ASN A 273 5.45 -17.25 30.18
C ASN A 273 4.87 -16.88 31.54
N ARG A 274 4.79 -15.57 31.83
CA ARG A 274 4.40 -14.99 33.14
C ARG A 274 2.93 -15.37 33.47
N SER A 275 2.69 -15.87 34.69
CA SER A 275 1.35 -16.30 35.20
C SER A 275 0.39 -15.10 35.26
N HIS A 291 19.58 -12.58 43.48
CA HIS A 291 18.95 -12.74 44.81
C HIS A 291 19.52 -11.73 45.83
N GLU A 292 20.82 -11.47 45.80
CA GLU A 292 21.49 -10.57 46.77
C GLU A 292 21.08 -9.11 46.47
N CYS A 293 20.94 -8.74 45.20
CA CYS A 293 20.53 -7.37 44.79
C CYS A 293 19.10 -7.10 45.25
N LEU A 294 18.25 -8.13 45.34
CA LEU A 294 16.84 -7.98 45.83
C LEU A 294 16.81 -7.80 47.36
N LYS A 295 17.60 -8.57 48.11
CA LYS A 295 17.84 -8.34 49.57
C LYS A 295 18.31 -6.88 49.76
N TRP A 296 19.27 -6.44 48.93
CA TRP A 296 19.85 -5.06 48.96
C TRP A 296 18.76 -4.00 48.80
N LEU A 297 17.76 -4.27 47.95
CA LEU A 297 16.68 -3.33 47.56
C LEU A 297 15.62 -3.24 48.66
N ASN A 298 15.34 -4.35 49.37
CA ASN A 298 14.32 -4.40 50.44
C ASN A 298 14.64 -3.33 51.50
N SER A 299 15.90 -2.97 51.67
CA SER A 299 16.35 -1.95 52.66
C SER A 299 15.97 -0.53 52.23
N LYS A 300 15.44 -0.31 51.02
CA LYS A 300 15.40 1.04 50.40
C LYS A 300 13.97 1.61 50.37
N LYS A 301 13.84 2.94 50.30
CA LYS A 301 12.54 3.63 50.16
C LYS A 301 11.92 3.26 48.80
N LYS A 302 10.59 3.21 48.74
CA LYS A 302 9.80 3.13 47.47
C LYS A 302 10.34 4.16 46.47
N ASN A 303 10.58 3.77 45.19
CA ASN A 303 10.89 4.70 44.08
C ASN A 303 12.17 5.51 44.34
N SER A 304 13.10 4.95 45.11
CA SER A 304 14.34 5.66 45.53
C SER A 304 15.53 5.28 44.63
N VAL A 305 15.45 4.17 43.90
CA VAL A 305 16.63 3.55 43.22
C VAL A 305 16.48 3.65 41.71
N ILE A 306 17.56 4.01 40.99
CA ILE A 306 17.67 4.05 39.51
C ILE A 306 18.33 2.75 39.07
N TYR A 307 17.70 2.06 38.12
CA TYR A 307 18.25 0.87 37.43
C TYR A 307 18.82 1.31 36.09
N ILE A 308 20.07 0.93 35.80
CA ILE A 308 20.74 1.25 34.51
C ILE A 308 21.12 -0.06 33.86
N CYS A 309 20.58 -0.33 32.68
CA CYS A 309 20.94 -1.56 31.92
C CYS A 309 20.71 -1.31 30.45
N PHE A 310 21.76 -1.44 29.63
CA PHE A 310 21.73 -1.10 28.18
C PHE A 310 21.60 -2.40 27.38
N GLY A 311 21.71 -3.55 28.07
CA GLY A 311 21.56 -4.90 27.51
C GLY A 311 22.91 -5.51 27.26
N SER A 312 22.96 -6.75 26.79
CA SER A 312 24.21 -7.46 26.36
C SER A 312 24.63 -7.06 24.93
N THR A 313 23.67 -6.71 24.08
CA THR A 313 23.88 -6.19 22.70
C THR A 313 24.69 -4.89 22.76
N ALA A 314 24.40 -4.02 23.73
CA ALA A 314 25.03 -2.69 23.92
C ALA A 314 26.57 -2.79 23.86
N HIS A 315 27.18 -1.98 22.97
CA HIS A 315 28.63 -1.68 22.85
C HIS A 315 28.90 -0.28 23.42
N GLN A 316 29.43 -0.23 24.66
CA GLN A 316 29.73 0.97 25.48
C GLN A 316 31.25 1.14 25.55
N ILE A 317 31.75 2.32 25.20
CA ILE A 317 33.20 2.63 25.24
C ILE A 317 33.55 3.16 26.63
N ALA A 318 34.80 2.93 27.03
CA ALA A 318 35.34 3.27 28.35
C ALA A 318 35.02 4.72 28.73
N PRO A 319 35.30 5.73 27.84
CA PRO A 319 35.02 7.12 28.17
C PRO A 319 33.55 7.39 28.52
N GLN A 320 32.63 6.71 27.83
CA GLN A 320 31.17 6.89 28.06
C GLN A 320 30.83 6.31 29.43
N LEU A 321 31.31 5.10 29.75
CA LEU A 321 31.02 4.44 31.05
C LEU A 321 31.53 5.35 32.17
N TYR A 322 32.68 6.00 31.95
CA TYR A 322 33.33 6.88 32.95
C TYR A 322 32.38 8.04 33.27
N GLU A 323 31.75 8.64 32.26
CA GLU A 323 30.86 9.82 32.45
C GLU A 323 29.61 9.39 33.22
N ILE A 324 29.10 8.19 32.95
CA ILE A 324 27.92 7.61 33.67
C ILE A 324 28.29 7.47 35.16
N ALA A 325 29.46 6.88 35.44
CA ALA A 325 29.93 6.62 36.82
C ALA A 325 29.94 7.95 37.61
N MET A 326 30.56 8.98 37.04
CA MET A 326 30.70 10.31 37.68
C MET A 326 29.31 10.92 37.88
N ALA A 327 28.40 10.79 36.92
CA ALA A 327 27.04 11.37 36.99
C ALA A 327 26.29 10.68 38.12
N LEU A 328 26.43 9.36 38.23
CA LEU A 328 25.68 8.58 39.27
C LEU A 328 26.12 9.07 40.65
N GLU A 329 27.45 9.14 40.86
CA GLU A 329 28.03 9.60 42.15
C GLU A 329 27.52 11.01 42.46
N ALA A 330 27.63 11.94 41.51
CA ALA A 330 27.29 13.38 41.68
C ALA A 330 25.79 13.56 41.93
N SER A 331 24.92 12.71 41.37
CA SER A 331 23.45 12.82 41.44
C SER A 331 22.97 12.58 42.88
N GLY A 332 23.74 11.83 43.68
CA GLY A 332 23.39 11.48 45.06
C GLY A 332 22.33 10.38 45.09
N GLN A 333 21.89 9.92 43.92
CA GLN A 333 20.74 8.98 43.79
C GLN A 333 21.27 7.57 44.05
N GLU A 334 20.50 6.75 44.72
CA GLU A 334 20.78 5.31 44.86
C GLU A 334 20.61 4.65 43.48
N PHE A 335 21.37 3.60 43.20
CA PHE A 335 21.39 3.00 41.84
C PHE A 335 21.85 1.54 41.86
N ILE A 336 21.34 0.79 40.89
CA ILE A 336 21.83 -0.54 40.47
C ILE A 336 22.24 -0.40 39.00
N TRP A 337 23.52 -0.60 38.74
CA TRP A 337 24.16 -0.40 37.42
C TRP A 337 24.64 -1.75 36.90
N VAL A 338 24.05 -2.22 35.80
CA VAL A 338 24.43 -3.51 35.17
C VAL A 338 25.42 -3.18 34.07
N VAL A 339 26.64 -3.71 34.17
CA VAL A 339 27.75 -3.54 33.18
C VAL A 339 28.06 -4.92 32.56
N ARG A 340 28.32 -4.97 31.24
CA ARG A 340 28.38 -6.21 30.42
C ARG A 340 29.33 -7.27 31.03
N ASP A 351 38.64 -2.17 34.16
CA ASP A 351 38.49 -1.20 35.28
C ASP A 351 39.15 0.15 34.94
N SER A 352 39.46 0.43 33.67
CA SER A 352 40.08 1.71 33.20
C SER A 352 39.04 2.85 33.26
N TRP A 353 37.75 2.51 33.31
CA TRP A 353 36.61 3.46 33.13
C TRP A 353 35.94 3.77 34.49
N LEU A 354 36.44 3.23 35.60
CA LEU A 354 35.97 3.57 36.98
C LEU A 354 36.91 4.56 37.66
N PRO A 355 36.37 5.66 38.26
CA PRO A 355 37.15 6.48 39.17
C PRO A 355 37.71 5.60 40.29
N ARG A 356 38.94 5.86 40.73
CA ARG A 356 39.57 5.15 41.86
C ARG A 356 38.71 5.41 43.09
N GLY A 357 38.34 4.35 43.82
CA GLY A 357 37.57 4.45 45.08
C GLY A 357 36.07 4.57 44.85
N PHE A 358 35.60 4.39 43.61
CA PHE A 358 34.18 4.59 43.24
C PHE A 358 33.31 3.65 44.09
N GLU A 359 33.55 2.36 43.94
CA GLU A 359 32.74 1.25 44.51
C GLU A 359 32.67 1.43 46.04
N GLN A 360 33.77 1.89 46.64
CA GLN A 360 33.91 2.11 48.11
C GLN A 360 33.11 3.36 48.51
N ARG A 361 33.27 4.47 47.78
CA ARG A 361 32.58 5.74 48.10
C ARG A 361 31.06 5.57 48.04
N VAL A 362 30.52 4.72 47.15
CA VAL A 362 29.05 4.62 46.94
C VAL A 362 28.46 3.43 47.69
N GLU A 363 29.26 2.72 48.51
CA GLU A 363 28.91 1.39 49.12
C GLU A 363 27.47 1.28 49.63
N GLY A 364 26.96 2.31 50.29
CA GLY A 364 25.55 2.29 50.80
C GLY A 364 24.53 2.51 49.69
N LYS A 365 24.89 3.36 48.72
CA LYS A 365 23.95 4.01 47.76
C LYS A 365 23.91 3.28 46.42
N GLY A 366 25.02 2.70 45.95
CA GLY A 366 25.18 2.21 44.56
C GLY A 366 25.66 0.79 44.53
N LEU A 367 25.10 -0.01 43.63
CA LEU A 367 25.49 -1.42 43.42
C LEU A 367 25.85 -1.58 41.95
N ILE A 368 27.05 -2.07 41.64
CA ILE A 368 27.42 -2.43 40.25
C ILE A 368 27.31 -3.95 40.12
N ILE A 369 26.51 -4.42 39.19
CA ILE A 369 26.43 -5.86 38.83
C ILE A 369 27.20 -6.05 37.53
N ARG A 370 28.19 -6.94 37.53
CA ARG A 370 28.90 -7.38 36.30
C ARG A 370 28.18 -8.60 35.72
N GLY A 371 27.43 -8.43 34.63
CA GLY A 371 26.97 -9.55 33.80
C GLY A 371 25.46 -9.69 33.82
N TRP A 372 24.97 -10.89 34.11
CA TRP A 372 23.53 -11.22 34.25
C TRP A 372 23.00 -10.55 35.53
N ALA A 373 21.91 -9.79 35.38
CA ALA A 373 21.03 -9.33 36.49
C ALA A 373 19.63 -9.93 36.34
N PRO A 374 18.91 -10.23 37.44
CA PRO A 374 17.50 -10.61 37.36
C PRO A 374 16.65 -9.36 37.12
N GLN A 375 16.65 -8.94 35.85
CA GLN A 375 16.17 -7.61 35.39
C GLN A 375 14.70 -7.42 35.77
N VAL A 376 13.86 -8.41 35.44
CA VAL A 376 12.38 -8.37 35.69
C VAL A 376 12.17 -8.17 37.19
N LEU A 377 12.80 -9.01 38.01
CA LEU A 377 12.60 -8.97 39.48
C LEU A 377 13.06 -7.60 40.00
N ILE A 378 14.14 -7.06 39.45
CA ILE A 378 14.65 -5.72 39.85
C ILE A 378 13.61 -4.65 39.45
N LEU A 379 13.20 -4.61 38.17
CA LEU A 379 12.31 -3.54 37.69
C LEU A 379 10.98 -3.57 38.46
N GLU A 380 10.51 -4.76 38.86
CA GLU A 380 9.20 -4.93 39.54
C GLU A 380 9.32 -4.68 41.05
N HIS A 381 10.53 -4.49 41.57
CA HIS A 381 10.74 -4.13 42.99
C HIS A 381 10.26 -2.69 43.25
N GLU A 382 9.52 -2.52 44.36
CA GLU A 382 8.96 -1.22 44.80
C GLU A 382 10.05 -0.15 44.93
N ALA A 383 11.29 -0.53 45.21
CA ALA A 383 12.42 0.42 45.48
C ALA A 383 12.85 1.13 44.19
N ILE A 384 12.61 0.51 43.03
CA ILE A 384 13.03 1.04 41.70
C ILE A 384 12.05 2.11 41.21
N GLY A 385 12.56 3.32 41.09
CA GLY A 385 11.83 4.53 40.66
C GLY A 385 12.18 4.96 39.22
N ALA A 386 13.21 4.41 38.59
CA ALA A 386 13.55 4.78 37.20
C ALA A 386 14.44 3.73 36.55
N PHE A 387 14.43 3.76 35.23
CA PHE A 387 15.15 2.85 34.30
C PHE A 387 15.86 3.67 33.23
N VAL A 388 17.18 3.60 33.23
CA VAL A 388 18.03 4.17 32.15
C VAL A 388 18.26 3.08 31.11
N THR A 389 17.78 3.36 29.91
CA THR A 389 17.72 2.43 28.75
C THR A 389 18.13 3.12 27.45
N HIS A 390 18.42 2.31 26.44
CA HIS A 390 18.67 2.78 25.06
C HIS A 390 17.37 3.06 24.29
N CYS A 391 16.24 2.67 24.86
CA CYS A 391 14.87 2.81 24.32
C CYS A 391 14.71 2.08 22.97
N GLY A 392 15.40 0.95 22.80
CA GLY A 392 14.94 -0.14 21.95
C GLY A 392 13.62 -0.62 22.49
N TRP A 393 12.79 -1.13 21.60
CA TRP A 393 11.38 -1.50 21.95
C TRP A 393 11.26 -2.59 23.02
N ASN A 394 12.10 -3.62 23.01
CA ASN A 394 12.07 -4.67 24.08
C ASN A 394 12.29 -4.04 25.47
N SER A 395 13.29 -3.18 25.58
CA SER A 395 13.64 -2.47 26.83
C SER A 395 12.48 -1.55 27.22
N THR A 396 11.98 -0.81 26.23
CA THR A 396 10.90 0.18 26.47
C THR A 396 9.66 -0.55 27.00
N LEU A 397 9.32 -1.69 26.41
CA LEU A 397 8.15 -2.51 26.81
C LEU A 397 8.37 -3.10 28.21
N GLU A 398 9.59 -3.49 28.56
CA GLU A 398 9.82 -4.00 29.94
C GLU A 398 9.67 -2.85 30.98
N GLY A 399 10.05 -1.64 30.61
CA GLY A 399 9.82 -0.49 31.51
C GLY A 399 8.33 -0.25 31.71
N ILE A 400 7.58 -0.31 30.61
CA ILE A 400 6.11 -0.15 30.59
C ILE A 400 5.49 -1.26 31.44
N THR A 401 5.91 -2.49 31.26
CA THR A 401 5.31 -3.66 31.94
C THR A 401 5.63 -3.61 33.44
N ALA A 402 6.75 -3.02 33.83
CA ALA A 402 7.15 -2.88 35.25
C ALA A 402 6.54 -1.61 35.87
N GLY A 403 5.98 -0.73 35.05
CA GLY A 403 5.42 0.58 35.44
C GLY A 403 6.53 1.52 35.91
N VAL A 404 7.67 1.49 35.24
CA VAL A 404 8.85 2.28 35.68
C VAL A 404 9.10 3.37 34.66
N PRO A 405 9.14 4.63 35.10
CA PRO A 405 9.60 5.71 34.22
C PRO A 405 11.03 5.50 33.73
N MET A 406 11.36 6.08 32.57
CA MET A 406 12.62 5.75 31.84
C MET A 406 13.38 7.02 31.53
N VAL A 407 14.69 6.99 31.72
CA VAL A 407 15.61 7.97 31.07
C VAL A 407 15.96 7.34 29.74
N THR A 408 15.67 8.05 28.64
CA THR A 408 15.76 7.49 27.29
C THR A 408 17.11 7.90 26.75
N TRP A 409 17.84 6.93 26.19
CA TRP A 409 19.19 7.10 25.56
C TRP A 409 19.22 6.43 24.18
N PRO A 410 18.54 7.04 23.18
CA PRO A 410 18.47 6.46 21.85
C PRO A 410 19.85 6.43 21.20
N ILE A 411 20.13 5.48 20.31
CA ILE A 411 21.46 5.33 19.67
C ILE A 411 21.30 5.19 18.15
N PHE A 412 20.40 4.33 17.68
CA PHE A 412 20.25 4.03 16.24
C PHE A 412 18.88 3.37 16.01
N ALA A 413 18.74 2.70 14.87
CA ALA A 413 17.51 1.99 14.45
C ALA A 413 16.31 2.93 14.62
N GLU A 414 15.24 2.44 15.27
CA GLU A 414 13.95 3.14 15.48
C GLU A 414 13.96 3.91 16.81
N GLN A 415 15.07 3.95 17.52
CA GLN A 415 15.10 4.34 18.95
C GLN A 415 14.73 5.80 19.18
N PHE A 416 15.03 6.71 18.27
CA PHE A 416 14.65 8.13 18.42
C PHE A 416 13.15 8.32 18.24
N TYR A 417 12.49 7.46 17.46
CA TYR A 417 11.01 7.49 17.37
C TYR A 417 10.44 6.94 18.69
N ASN A 418 11.00 5.85 19.23
CA ASN A 418 10.47 5.24 20.48
C ASN A 418 10.61 6.29 21.59
N GLU A 419 11.66 7.09 21.55
CA GLU A 419 11.95 8.09 22.58
C GLU A 419 10.87 9.18 22.54
N LYS A 420 10.42 9.57 21.34
CA LYS A 420 9.30 10.54 21.20
C LYS A 420 8.02 9.93 21.77
N LEU A 421 7.73 8.67 21.48
CA LEU A 421 6.52 8.02 22.05
C LEU A 421 6.62 8.11 23.57
N VAL A 422 7.73 7.73 24.17
CA VAL A 422 7.85 7.59 25.64
C VAL A 422 7.74 8.96 26.30
N ASN A 423 8.37 9.98 25.74
CA ASN A 423 8.56 11.29 26.41
C ASN A 423 7.38 12.21 26.07
N GLN A 424 6.90 12.21 24.82
CA GLN A 424 5.95 13.25 24.38
C GLN A 424 4.52 12.71 24.37
N ILE A 425 4.32 11.42 24.15
CA ILE A 425 2.95 10.86 23.99
C ILE A 425 2.57 10.13 25.27
N LEU A 426 3.38 9.17 25.73
CA LEU A 426 3.08 8.41 26.98
C LEU A 426 3.39 9.29 28.19
N LYS A 427 4.35 10.22 28.03
CA LYS A 427 4.90 11.12 29.06
C LYS A 427 5.36 10.34 30.29
N ILE A 428 6.18 9.30 30.10
CA ILE A 428 6.70 8.43 31.20
C ILE A 428 8.23 8.43 31.17
N GLY A 429 8.84 9.39 30.50
CA GLY A 429 10.30 9.40 30.42
C GLY A 429 10.89 10.80 30.35
N VAL A 430 12.21 10.84 30.43
CA VAL A 430 13.07 12.05 30.31
C VAL A 430 14.25 11.68 29.42
N PRO A 431 14.55 12.51 28.39
CA PRO A 431 15.70 12.27 27.52
C PRO A 431 17.04 12.61 28.18
N VAL A 432 18.07 11.79 27.93
CA VAL A 432 19.43 12.09 28.42
C VAL A 432 20.04 13.21 27.57
N GLY A 433 19.55 13.40 26.34
CA GLY A 433 20.04 14.48 25.46
C GLY A 433 21.00 13.99 24.38
N ALA A 434 21.05 12.67 24.13
CA ALA A 434 21.61 12.09 22.90
C ALA A 434 20.66 12.45 21.77
N ASN A 435 21.19 13.04 20.70
CA ASN A 435 20.38 13.42 19.52
C ASN A 435 21.06 12.94 18.24
N LYS A 436 22.16 12.19 18.32
CA LYS A 436 22.92 11.77 17.12
C LYS A 436 22.74 10.27 16.84
N TRP A 437 22.09 9.95 15.71
CA TRP A 437 21.94 8.58 15.16
C TRP A 437 23.31 8.10 14.69
N SER A 438 23.78 6.99 15.24
CA SER A 438 25.11 6.43 14.89
C SER A 438 25.18 4.94 15.24
N ARG A 439 25.65 4.11 14.31
CA ARG A 439 25.97 2.68 14.56
C ARG A 439 27.38 2.58 15.18
N GLU A 440 28.21 3.62 15.02
CA GLU A 440 29.55 3.74 15.67
C GLU A 440 29.43 4.67 16.89
N THR A 441 30.22 4.40 17.94
CA THR A 441 30.40 5.33 19.11
C THR A 441 31.77 6.02 19.00
N SER A 442 31.83 7.20 18.38
CA SER A 442 33.02 8.07 18.35
C SER A 442 33.14 8.78 19.69
N ILE A 443 34.39 8.91 20.16
CA ILE A 443 34.73 9.61 21.42
C ILE A 443 34.03 10.98 21.41
N GLU A 444 33.90 11.59 20.24
CA GLU A 444 33.39 12.97 20.04
C GLU A 444 31.90 13.04 20.42
N ASP A 445 31.19 11.90 20.40
CA ASP A 445 29.71 11.84 20.57
C ASP A 445 29.33 11.43 21.98
N VAL A 446 30.30 11.17 22.84
CA VAL A 446 30.07 10.75 24.26
C VAL A 446 29.16 11.78 24.93
N ILE A 447 28.14 11.29 25.63
CA ILE A 447 27.29 12.13 26.53
C ILE A 447 28.06 12.36 27.86
N LYS A 448 28.17 13.63 28.26
CA LYS A 448 29.05 14.08 29.38
C LYS A 448 28.31 13.96 30.71
N LYS A 449 29.07 13.86 31.80
CA LYS A 449 28.56 13.76 33.21
C LYS A 449 27.41 14.74 33.45
N ASP A 450 27.55 16.01 33.06
CA ASP A 450 26.55 17.08 33.43
C ASP A 450 25.17 16.77 32.80
N ALA A 451 25.12 16.39 31.53
CA ALA A 451 23.85 16.01 30.83
C ALA A 451 23.22 14.81 31.53
N ILE A 452 24.06 13.83 31.89
CA ILE A 452 23.57 12.56 32.51
C ILE A 452 23.04 12.89 33.90
N GLU A 453 23.77 13.65 34.70
CA GLU A 453 23.37 14.01 36.09
C GLU A 453 22.03 14.75 36.07
N LYS A 454 21.85 15.67 35.13
CA LYS A 454 20.59 16.46 34.94
C LYS A 454 19.40 15.52 34.73
N ALA A 455 19.57 14.51 33.86
CA ALA A 455 18.50 13.53 33.55
C ALA A 455 18.24 12.63 34.76
N LEU A 456 19.29 12.19 35.47
CA LEU A 456 19.12 11.32 36.68
C LEU A 456 18.33 12.09 37.75
N ARG A 457 18.62 13.38 37.93
CA ARG A 457 17.90 14.22 38.94
C ARG A 457 16.46 14.42 38.47
N GLU A 458 16.26 14.78 37.21
CA GLU A 458 14.91 15.09 36.64
C GLU A 458 13.96 13.90 36.77
N ILE A 459 14.44 12.68 36.51
CA ILE A 459 13.56 11.46 36.48
C ILE A 459 13.16 11.10 37.92
N MET A 460 13.94 11.54 38.90
CA MET A 460 13.68 11.17 40.31
C MET A 460 12.94 12.29 41.04
N VAL A 461 13.27 13.57 40.83
CA VAL A 461 12.72 14.67 41.69
C VAL A 461 12.31 15.89 40.87
N GLY A 462 12.40 15.82 39.53
CA GLY A 462 11.96 16.89 38.64
C GLY A 462 10.48 17.12 38.80
N ASP A 463 9.93 18.19 38.23
CA ASP A 463 8.57 18.68 38.57
C ASP A 463 7.53 17.57 38.37
N GLU A 464 7.49 16.89 37.21
CA GLU A 464 6.47 15.89 36.82
C GLU A 464 6.87 14.45 37.14
N ALA A 465 7.89 14.19 37.96
CA ALA A 465 8.38 12.85 38.33
C ALA A 465 7.25 11.94 38.85
N GLU A 466 6.40 12.46 39.73
CA GLU A 466 5.27 11.72 40.37
C GLU A 466 4.24 11.34 39.29
N GLU A 467 3.96 12.30 38.40
CA GLU A 467 2.96 12.15 37.32
C GLU A 467 3.47 11.10 36.34
N ARG A 468 4.77 11.09 36.07
CA ARG A 468 5.37 10.08 35.16
C ARG A 468 5.17 8.71 35.81
N ARG A 469 5.40 8.60 37.11
CA ARG A 469 5.24 7.32 37.84
C ARG A 469 3.77 6.89 37.75
N SER A 470 2.83 7.82 37.95
CA SER A 470 1.37 7.51 37.95
C SER A 470 1.00 7.03 36.55
N ARG A 471 1.44 7.76 35.52
CA ARG A 471 1.14 7.42 34.10
C ARG A 471 1.71 6.03 33.76
N ALA A 472 2.93 5.72 34.21
CA ALA A 472 3.61 4.43 33.89
C ALA A 472 2.84 3.29 34.58
N LYS A 473 2.34 3.54 35.78
CA LYS A 473 1.59 2.49 36.55
C LYS A 473 0.28 2.16 35.82
N LYS A 474 -0.36 3.15 35.20
CA LYS A 474 -1.58 2.94 34.40
C LYS A 474 -1.22 2.07 33.19
N LEU A 475 -0.11 2.35 32.51
CA LEU A 475 0.27 1.57 31.29
C LEU A 475 0.55 0.12 31.69
N LYS A 476 1.20 -0.06 32.86
CA LYS A 476 1.47 -1.40 33.43
C LYS A 476 0.14 -2.16 33.50
N GLU A 477 -0.87 -1.59 34.16
CA GLU A 477 -2.18 -2.28 34.36
C GLU A 477 -2.77 -2.60 32.98
N MET A 478 -2.70 -1.65 32.03
CA MET A 478 -3.29 -1.81 30.68
C MET A 478 -2.55 -2.92 29.92
N ALA A 479 -1.24 -3.05 30.13
CA ALA A 479 -0.41 -4.05 29.42
C ALA A 479 -0.85 -5.45 29.86
N TRP A 480 -0.93 -5.68 31.18
CA TRP A 480 -1.35 -6.99 31.72
C TRP A 480 -2.79 -7.29 31.29
N LYS A 481 -3.66 -6.29 31.26
CA LYS A 481 -5.08 -6.48 30.84
C LYS A 481 -5.13 -6.88 29.35
N ALA A 482 -4.23 -6.33 28.50
CA ALA A 482 -4.21 -6.61 27.04
C ALA A 482 -3.96 -8.10 26.76
N VAL A 483 -3.14 -8.76 27.59
CA VAL A 483 -2.59 -10.11 27.28
C VAL A 483 -3.41 -11.20 27.98
N GLU A 484 -4.19 -10.86 29.01
CA GLU A 484 -5.11 -11.79 29.72
C GLU A 484 -6.32 -12.10 28.84
N GLU A 485 -6.94 -13.28 29.02
CA GLU A 485 -8.15 -13.68 28.27
C GLU A 485 -9.11 -12.47 28.25
N GLY A 486 -9.70 -12.17 27.10
CA GLY A 486 -10.63 -11.04 26.90
C GLY A 486 -9.91 -9.75 26.54
N GLY A 487 -8.58 -9.67 26.73
CA GLY A 487 -7.81 -8.45 26.40
C GLY A 487 -7.61 -8.29 24.90
N SER A 488 -7.27 -7.07 24.49
CA SER A 488 -7.07 -6.65 23.08
C SER A 488 -6.02 -7.54 22.41
N SER A 489 -4.94 -7.89 23.11
CA SER A 489 -3.80 -8.64 22.49
C SER A 489 -4.19 -10.12 22.40
N TYR A 490 -4.77 -10.66 23.47
CA TYR A 490 -5.33 -12.03 23.48
C TYR A 490 -6.31 -12.17 22.29
N SER A 491 -7.20 -11.17 22.12
CA SER A 491 -8.29 -11.16 21.10
C SER A 491 -7.73 -11.13 19.68
N ASP A 492 -6.82 -10.20 19.38
CA ASP A 492 -6.22 -10.05 18.03
C ASP A 492 -5.43 -11.35 17.71
N LEU A 493 -4.78 -11.97 18.72
CA LEU A 493 -4.07 -13.25 18.46
C LEU A 493 -5.10 -14.34 18.07
N SER A 494 -6.22 -14.46 18.80
CA SER A 494 -7.31 -15.41 18.43
C SER A 494 -7.79 -15.14 16.98
N ALA A 495 -8.05 -13.88 16.65
CA ALA A 495 -8.56 -13.44 15.33
C ALA A 495 -7.57 -13.81 14.24
N LEU A 496 -6.27 -13.57 14.44
CA LEU A 496 -5.21 -13.91 13.44
C LEU A 496 -5.22 -15.43 13.22
N ILE A 497 -5.24 -16.21 14.30
CA ILE A 497 -5.13 -17.69 14.17
C ILE A 497 -6.37 -18.18 13.42
N GLU A 498 -7.55 -17.68 13.79
CA GLU A 498 -8.83 -18.07 13.15
C GLU A 498 -8.68 -17.78 11.65
N GLU A 499 -8.16 -16.61 11.32
CA GLU A 499 -7.99 -16.16 9.91
C GLU A 499 -6.99 -17.09 9.19
N LEU A 500 -5.89 -17.47 9.84
CA LEU A 500 -4.90 -18.40 9.23
C LEU A 500 -5.57 -19.77 9.02
N ARG A 501 -6.40 -20.22 9.97
CA ARG A 501 -7.10 -21.54 9.92
C ARG A 501 -8.03 -21.60 8.71
N GLY A 502 -8.60 -20.46 8.29
CA GLY A 502 -9.62 -20.39 7.22
C GLY A 502 -9.07 -19.91 5.89
N TYR A 503 -7.74 -19.78 5.75
CA TYR A 503 -7.06 -19.32 4.52
C TYR A 503 -6.99 -20.47 3.49
N HIS A 504 -7.24 -20.14 2.21
CA HIS A 504 -7.30 -21.12 1.08
C HIS A 504 -6.21 -20.82 0.03
N GLN B 26 19.72 -6.92 -25.27
CA GLN B 26 18.73 -7.93 -25.77
C GLN B 26 17.31 -7.48 -25.43
N GLN B 27 16.36 -7.75 -26.32
CA GLN B 27 14.96 -7.22 -26.27
C GLN B 27 14.17 -7.59 -25.00
N LEU B 28 13.71 -6.56 -24.29
CA LEU B 28 12.74 -6.66 -23.18
C LEU B 28 11.44 -7.28 -23.71
N HIS B 29 10.81 -8.18 -22.97
CA HIS B 29 9.54 -8.83 -23.40
C HIS B 29 8.46 -8.52 -22.38
N VAL B 30 7.36 -7.91 -22.83
CA VAL B 30 6.17 -7.61 -21.98
C VAL B 30 4.96 -8.35 -22.56
N VAL B 31 4.30 -9.11 -21.70
CA VAL B 31 3.07 -9.86 -22.02
C VAL B 31 1.87 -9.06 -21.48
N PHE B 32 0.87 -8.88 -22.31
CA PHE B 32 -0.38 -8.13 -22.00
C PHE B 32 -1.54 -9.11 -21.95
N PHE B 33 -2.30 -9.10 -20.87
CA PHE B 33 -3.39 -10.06 -20.61
C PHE B 33 -4.67 -9.31 -20.27
N PRO B 34 -5.43 -8.85 -21.29
CA PRO B 34 -6.66 -8.11 -21.06
C PRO B 34 -7.83 -9.05 -20.82
N ILE B 35 -8.83 -8.60 -20.09
CA ILE B 35 -10.12 -9.34 -20.07
C ILE B 35 -10.77 -9.18 -21.45
N MET B 36 -11.58 -10.15 -21.84
CA MET B 36 -12.28 -10.20 -23.15
C MET B 36 -13.49 -9.26 -23.12
N ALA B 37 -13.24 -7.95 -23.10
CA ALA B 37 -14.21 -6.83 -23.22
C ALA B 37 -13.60 -5.81 -24.19
N HIS B 38 -14.38 -5.36 -25.16
CA HIS B 38 -13.89 -4.49 -26.26
C HIS B 38 -13.19 -3.25 -25.68
N GLY B 39 -13.76 -2.71 -24.61
CA GLY B 39 -13.27 -1.50 -23.91
C GLY B 39 -11.94 -1.67 -23.21
N HIS B 40 -11.53 -2.90 -22.91
CA HIS B 40 -10.21 -3.24 -22.30
C HIS B 40 -9.23 -3.71 -23.39
N MET B 41 -9.73 -4.48 -24.37
CA MET B 41 -8.88 -5.08 -25.42
C MET B 41 -8.22 -3.97 -26.24
N ILE B 42 -8.99 -2.96 -26.65
CA ILE B 42 -8.48 -1.95 -27.62
C ILE B 42 -7.41 -1.10 -26.95
N PRO B 43 -7.62 -0.50 -25.75
CA PRO B 43 -6.54 0.21 -25.07
C PRO B 43 -5.32 -0.66 -24.72
N THR B 44 -5.54 -1.95 -24.44
CA THR B 44 -4.41 -2.88 -24.16
C THR B 44 -3.54 -3.01 -25.43
N LEU B 45 -4.18 -3.14 -26.59
CA LEU B 45 -3.49 -3.23 -27.88
C LEU B 45 -2.65 -1.95 -28.08
N ASP B 46 -3.26 -0.80 -27.82
CA ASP B 46 -2.58 0.52 -27.94
C ASP B 46 -1.37 0.58 -27.00
N ILE B 47 -1.44 0.06 -25.78
CA ILE B 47 -0.28 0.02 -24.84
C ILE B 47 0.78 -0.91 -25.45
N ALA B 48 0.37 -2.08 -25.94
CA ALA B 48 1.29 -3.05 -26.57
C ALA B 48 2.04 -2.35 -27.71
N ARG B 49 1.32 -1.56 -28.49
CA ARG B 49 1.88 -0.79 -29.63
C ARG B 49 2.86 0.28 -29.15
N LEU B 50 2.54 0.99 -28.06
CA LEU B 50 3.42 2.02 -27.47
C LEU B 50 4.74 1.36 -27.02
N PHE B 51 4.66 0.19 -26.36
CA PHE B 51 5.84 -0.59 -25.95
C PHE B 51 6.63 -1.07 -27.19
N ALA B 52 5.93 -1.52 -28.23
CA ALA B 52 6.57 -2.10 -29.43
C ALA B 52 7.43 -1.03 -30.13
N ALA B 53 6.98 0.23 -30.06
CA ALA B 53 7.63 1.37 -30.72
C ALA B 53 8.92 1.77 -29.98
N ARG B 54 9.13 1.30 -28.75
CA ARG B 54 10.38 1.53 -27.98
C ARG B 54 11.27 0.28 -28.10
N ASN B 55 11.03 -0.54 -29.11
CA ASN B 55 11.79 -1.79 -29.39
C ASN B 55 11.56 -2.81 -28.26
N VAL B 56 10.36 -2.86 -27.67
CA VAL B 56 10.04 -3.90 -26.66
C VAL B 56 9.21 -4.98 -27.37
N ARG B 57 9.56 -6.25 -27.20
CA ARG B 57 8.73 -7.38 -27.70
C ARG B 57 7.43 -7.33 -26.90
N ALA B 58 6.29 -7.28 -27.58
CA ALA B 58 4.95 -7.19 -26.97
C ALA B 58 4.14 -8.39 -27.43
N THR B 59 3.62 -9.17 -26.48
CA THR B 59 2.69 -10.28 -26.76
C THR B 59 1.37 -9.99 -26.07
N ILE B 60 0.25 -10.20 -26.76
CA ILE B 60 -1.11 -10.08 -26.20
C ILE B 60 -1.72 -11.47 -26.11
N ILE B 61 -2.23 -11.82 -24.93
CA ILE B 61 -2.98 -13.08 -24.71
C ILE B 61 -4.45 -12.82 -25.00
N THR B 62 -5.08 -13.70 -25.80
CA THR B 62 -6.49 -13.57 -26.19
C THR B 62 -7.04 -14.98 -26.34
N THR B 63 -8.27 -15.08 -26.80
CA THR B 63 -8.96 -16.37 -27.05
C THR B 63 -9.34 -16.39 -28.52
N PRO B 64 -9.57 -17.60 -29.09
CA PRO B 64 -9.89 -17.74 -30.51
C PRO B 64 -11.00 -16.84 -31.06
N LEU B 65 -12.13 -16.67 -30.36
CA LEU B 65 -13.27 -15.89 -30.90
C LEU B 65 -13.00 -14.38 -30.77
N ASN B 66 -11.96 -13.98 -30.04
CA ASN B 66 -11.60 -12.55 -29.88
C ASN B 66 -10.40 -12.17 -30.75
N ALA B 67 -9.65 -13.14 -31.27
CA ALA B 67 -8.37 -12.90 -32.00
C ALA B 67 -8.60 -11.93 -33.16
N HIS B 68 -9.70 -12.09 -33.92
CA HIS B 68 -10.03 -11.24 -35.11
C HIS B 68 -9.97 -9.75 -34.76
N THR B 69 -10.38 -9.37 -33.53
CA THR B 69 -10.41 -7.97 -33.05
C THR B 69 -8.99 -7.38 -33.14
N PHE B 70 -8.00 -8.17 -32.73
CA PHE B 70 -6.56 -7.79 -32.71
C PHE B 70 -5.96 -7.95 -34.11
N THR B 71 -6.20 -9.08 -34.78
CA THR B 71 -5.58 -9.40 -36.10
C THR B 71 -5.90 -8.24 -37.05
N LYS B 72 -7.19 -7.92 -37.20
CA LYS B 72 -7.68 -6.79 -38.02
C LYS B 72 -6.95 -5.51 -37.62
N ALA B 73 -7.12 -5.08 -36.37
CA ALA B 73 -6.61 -3.80 -35.81
C ALA B 73 -5.08 -3.70 -35.92
N ILE B 74 -4.34 -4.81 -35.77
CA ILE B 74 -2.86 -4.86 -35.94
C ILE B 74 -2.52 -4.49 -37.39
N GLU B 75 -3.03 -5.27 -38.36
CA GLU B 75 -2.73 -5.15 -39.82
C GLU B 75 -3.21 -3.80 -40.35
N MET B 76 -4.37 -3.32 -39.85
CA MET B 76 -5.00 -2.02 -40.23
C MET B 76 -4.23 -0.84 -39.61
N GLY B 77 -3.20 -1.10 -38.81
CA GLY B 77 -2.23 -0.11 -38.29
C GLY B 77 -0.77 -0.56 -38.45
N LYS B 78 -0.53 -1.62 -39.24
CA LYS B 78 0.82 -2.16 -39.57
C LYS B 78 1.19 -1.78 -41.01
N LYS B 79 2.23 -2.43 -41.56
CA LYS B 79 2.71 -2.33 -42.98
C LYS B 79 3.32 -0.95 -43.24
N ASN B 80 3.73 -0.25 -42.18
CA ASN B 80 4.38 1.10 -42.21
C ASN B 80 5.75 1.00 -41.52
N GLY B 81 6.31 -0.22 -41.46
CA GLY B 81 7.54 -0.55 -40.71
C GLY B 81 7.29 -0.61 -39.21
N SER B 82 6.02 -0.57 -38.78
CA SER B 82 5.61 -0.66 -37.35
C SER B 82 5.97 -2.04 -36.80
N PRO B 83 6.51 -2.14 -35.57
CA PRO B 83 6.99 -3.43 -35.06
C PRO B 83 5.83 -4.42 -34.90
N THR B 84 6.17 -5.70 -34.73
CA THR B 84 5.21 -6.85 -34.72
C THR B 84 4.68 -7.08 -33.30
N ILE B 85 3.37 -7.10 -33.15
CA ILE B 85 2.68 -7.55 -31.90
C ILE B 85 2.33 -9.03 -32.10
N HIS B 86 2.82 -9.89 -31.21
CA HIS B 86 2.51 -11.35 -31.19
C HIS B 86 1.23 -11.57 -30.41
N LEU B 87 0.44 -12.54 -30.86
CA LEU B 87 -0.77 -13.06 -30.17
C LEU B 87 -0.46 -14.43 -29.59
N GLU B 88 -0.91 -14.69 -28.38
CA GLU B 88 -0.97 -16.04 -27.77
C GLU B 88 -2.44 -16.37 -27.52
N LEU B 89 -2.92 -17.52 -27.98
CA LEU B 89 -4.35 -17.90 -27.82
C LEU B 89 -4.50 -18.87 -26.65
N PHE B 90 -5.38 -18.56 -25.70
CA PHE B 90 -5.76 -19.46 -24.59
C PHE B 90 -7.13 -20.03 -24.90
N LYS B 91 -7.38 -21.26 -24.45
CA LYS B 91 -8.72 -21.87 -24.52
C LYS B 91 -9.55 -21.30 -23.38
N PHE B 92 -10.71 -20.75 -23.70
CA PHE B 92 -11.71 -20.25 -22.72
C PHE B 92 -12.65 -21.39 -22.36
N PRO B 93 -12.70 -21.81 -21.08
CA PRO B 93 -13.51 -22.98 -20.71
C PRO B 93 -15.00 -22.67 -20.56
N ALA B 94 -15.65 -22.34 -21.68
CA ALA B 94 -17.09 -21.99 -21.77
C ALA B 94 -17.94 -23.15 -21.26
N GLN B 95 -17.73 -24.36 -21.81
CA GLN B 95 -18.55 -25.57 -21.51
C GLN B 95 -18.47 -25.82 -20.00
N ASP B 96 -17.23 -25.80 -19.52
CA ASP B 96 -16.80 -26.10 -18.12
C ASP B 96 -17.64 -25.29 -17.12
N VAL B 97 -17.99 -24.03 -17.43
CA VAL B 97 -18.72 -23.15 -16.48
C VAL B 97 -20.17 -22.98 -16.93
N GLY B 98 -20.59 -23.67 -18.00
CA GLY B 98 -22.00 -23.67 -18.45
C GLY B 98 -22.38 -22.49 -19.31
N LEU B 99 -21.41 -21.83 -19.97
CA LEU B 99 -21.64 -20.76 -20.97
C LEU B 99 -21.79 -21.40 -22.33
N PRO B 100 -22.65 -20.80 -23.20
CA PRO B 100 -22.65 -21.11 -24.63
C PRO B 100 -21.23 -21.07 -25.20
N GLU B 101 -20.92 -22.05 -26.05
CA GLU B 101 -19.63 -22.15 -26.78
C GLU B 101 -19.24 -20.79 -27.38
N GLY B 102 -20.22 -20.01 -27.87
CA GLY B 102 -19.97 -18.73 -28.56
C GLY B 102 -19.70 -17.55 -27.62
N CYS B 103 -19.76 -17.77 -26.32
CA CYS B 103 -19.69 -16.68 -25.30
C CYS B 103 -18.27 -16.58 -24.75
N GLU B 104 -17.36 -15.94 -25.49
CA GLU B 104 -15.93 -15.78 -25.08
C GLU B 104 -15.66 -14.31 -24.75
N ASN B 105 -16.68 -13.47 -24.61
CA ASN B 105 -16.56 -11.98 -24.47
C ASN B 105 -17.57 -11.56 -23.40
N LEU B 106 -17.19 -10.60 -22.55
CA LEU B 106 -18.02 -10.09 -21.43
C LEU B 106 -19.33 -9.51 -21.95
N GLU B 107 -19.35 -8.99 -23.19
CA GLU B 107 -20.54 -8.32 -23.80
C GLU B 107 -21.65 -9.35 -24.01
N GLN B 108 -21.31 -10.62 -24.25
CA GLN B 108 -22.26 -11.72 -24.52
C GLN B 108 -22.85 -12.30 -23.22
N ALA B 109 -22.29 -11.95 -22.06
CA ALA B 109 -22.70 -12.49 -20.75
C ALA B 109 -23.73 -11.53 -20.14
N LEU B 110 -24.97 -11.58 -20.65
CA LEU B 110 -26.14 -10.77 -20.24
C LEU B 110 -26.95 -11.56 -19.21
N GLY B 111 -27.28 -10.94 -18.07
CA GLY B 111 -27.98 -11.58 -16.94
C GLY B 111 -27.01 -11.93 -15.84
N SER B 112 -27.47 -11.86 -14.58
CA SER B 112 -26.66 -12.10 -13.36
C SER B 112 -25.98 -13.48 -13.44
N SER B 113 -26.72 -14.51 -13.87
CA SER B 113 -26.25 -15.91 -14.02
C SER B 113 -24.98 -15.95 -14.88
N LEU B 114 -25.07 -15.41 -16.11
CA LEU B 114 -24.05 -15.49 -17.17
C LEU B 114 -22.78 -14.75 -16.77
N ILE B 115 -22.90 -13.53 -16.21
CA ILE B 115 -21.74 -12.72 -15.73
C ILE B 115 -20.92 -13.51 -14.70
N GLU B 116 -21.55 -14.11 -13.70
CA GLU B 116 -20.88 -14.88 -12.62
C GLU B 116 -20.12 -16.06 -13.24
N LYS B 117 -20.73 -16.68 -14.26
CA LYS B 117 -20.12 -17.85 -14.93
C LYS B 117 -18.91 -17.39 -15.74
N PHE B 118 -19.06 -16.25 -16.42
CA PHE B 118 -17.97 -15.63 -17.20
C PHE B 118 -16.78 -15.40 -16.27
N PHE B 119 -16.98 -14.87 -15.06
CA PHE B 119 -15.86 -14.57 -14.13
C PHE B 119 -15.25 -15.88 -13.60
N LYS B 120 -16.05 -16.91 -13.35
CA LYS B 120 -15.48 -18.23 -12.98
C LYS B 120 -14.61 -18.73 -14.14
N GLY B 121 -15.09 -18.56 -15.37
CA GLY B 121 -14.40 -18.98 -16.59
C GLY B 121 -13.03 -18.36 -16.71
N VAL B 122 -12.97 -17.03 -16.57
CA VAL B 122 -11.70 -16.29 -16.78
C VAL B 122 -10.75 -16.66 -15.65
N GLY B 123 -11.28 -16.91 -14.45
CA GLY B 123 -10.47 -17.39 -13.30
C GLY B 123 -9.76 -18.71 -13.60
N LEU B 124 -10.39 -19.59 -14.39
CA LEU B 124 -9.80 -20.89 -14.79
C LEU B 124 -8.75 -20.74 -15.91
N LEU B 125 -8.41 -19.52 -16.32
CA LEU B 125 -7.28 -19.31 -17.28
C LEU B 125 -5.94 -19.32 -16.55
N ARG B 126 -5.94 -19.39 -15.21
CA ARG B 126 -4.71 -19.25 -14.39
C ARG B 126 -3.73 -20.36 -14.77
N GLU B 127 -4.20 -21.59 -14.94
CA GLU B 127 -3.33 -22.75 -15.27
C GLU B 127 -2.54 -22.41 -16.56
N GLN B 128 -3.22 -21.92 -17.58
CA GLN B 128 -2.63 -21.57 -18.89
C GLN B 128 -1.68 -20.37 -18.74
N LEU B 129 -2.05 -19.36 -17.94
CA LEU B 129 -1.14 -18.20 -17.75
C LEU B 129 0.16 -18.69 -17.13
N GLU B 130 0.08 -19.50 -16.08
CA GLU B 130 1.26 -19.97 -15.32
C GLU B 130 2.18 -20.80 -16.23
N ALA B 131 1.61 -21.65 -17.09
CA ALA B 131 2.37 -22.51 -18.02
C ALA B 131 3.05 -21.62 -19.04
N TYR B 132 2.34 -20.59 -19.50
CA TYR B 132 2.88 -19.66 -20.53
C TYR B 132 4.07 -18.87 -19.95
N LEU B 133 3.95 -18.36 -18.71
CA LEU B 133 5.01 -17.56 -18.06
C LEU B 133 6.22 -18.46 -17.77
N GLU B 134 5.98 -19.67 -17.26
CA GLU B 134 7.06 -20.67 -16.97
C GLU B 134 7.87 -20.90 -18.25
N LYS B 135 7.18 -21.07 -19.38
CA LYS B 135 7.76 -21.36 -20.71
C LYS B 135 8.51 -20.14 -21.25
N THR B 136 7.91 -18.95 -21.23
CA THR B 136 8.42 -17.77 -22.00
C THR B 136 9.27 -16.85 -21.12
N ARG B 137 9.07 -16.84 -19.80
CA ARG B 137 9.85 -15.98 -18.87
C ARG B 137 9.96 -14.55 -19.40
N PRO B 138 8.84 -13.82 -19.61
CA PRO B 138 8.93 -12.41 -20.00
C PRO B 138 9.40 -11.53 -18.83
N ASN B 139 9.74 -10.28 -19.11
CA ASN B 139 10.28 -9.31 -18.13
C ASN B 139 9.13 -8.69 -17.32
N CYS B 140 7.92 -8.60 -17.87
CA CYS B 140 6.75 -8.02 -17.17
C CYS B 140 5.46 -8.59 -17.72
N LEU B 141 4.48 -8.74 -16.84
CA LEU B 141 3.08 -9.10 -17.17
C LEU B 141 2.21 -7.88 -16.89
N VAL B 142 1.60 -7.29 -17.92
CA VAL B 142 0.51 -6.28 -17.77
C VAL B 142 -0.81 -7.04 -17.82
N ALA B 143 -1.50 -7.15 -16.69
CA ALA B 143 -2.74 -7.93 -16.56
C ALA B 143 -3.88 -7.00 -16.19
N ASP B 144 -5.02 -7.30 -16.80
CA ASP B 144 -6.31 -6.62 -16.53
C ASP B 144 -6.57 -6.54 -15.02
N MET B 145 -7.10 -5.40 -14.59
CA MET B 145 -7.67 -5.22 -13.23
C MET B 145 -8.49 -6.44 -12.80
N PHE B 146 -9.23 -7.07 -13.71
CA PHE B 146 -10.15 -8.19 -13.36
C PHE B 146 -9.40 -9.50 -13.04
N PHE B 147 -8.05 -9.50 -13.10
CA PHE B 147 -7.23 -10.70 -12.78
C PHE B 147 -6.34 -10.40 -11.58
N PRO B 148 -6.88 -10.25 -10.36
CA PRO B 148 -6.06 -9.94 -9.18
C PRO B 148 -5.01 -11.04 -8.95
N TRP B 149 -5.40 -12.28 -9.26
CA TRP B 149 -4.54 -13.49 -9.07
C TRP B 149 -3.34 -13.50 -10.02
N ALA B 150 -3.30 -12.65 -11.04
CA ALA B 150 -2.17 -12.63 -12.00
C ALA B 150 -0.89 -12.20 -11.26
N THR B 151 -1.01 -11.44 -10.18
CA THR B 151 0.17 -10.96 -9.42
C THR B 151 0.94 -12.16 -8.88
N ASP B 152 0.25 -13.09 -8.20
CA ASP B 152 0.82 -14.33 -7.60
C ASP B 152 1.36 -15.24 -8.71
N SER B 153 0.61 -15.37 -9.81
CA SER B 153 1.04 -16.17 -10.99
C SER B 153 2.40 -15.68 -11.51
N ALA B 154 2.59 -14.37 -11.64
CA ALA B 154 3.85 -13.77 -12.15
C ALA B 154 4.94 -13.91 -11.10
N ALA B 155 4.61 -13.72 -9.81
CA ALA B 155 5.55 -13.84 -8.67
C ALA B 155 6.19 -15.24 -8.64
N LYS B 156 5.45 -16.29 -8.99
CA LYS B 156 5.99 -17.69 -9.04
C LYS B 156 7.29 -17.75 -9.85
N PHE B 157 7.47 -16.87 -10.83
CA PHE B 157 8.65 -16.84 -11.73
C PHE B 157 9.42 -15.53 -11.58
N ASN B 158 9.24 -14.83 -10.45
CA ASN B 158 9.91 -13.53 -10.12
C ASN B 158 9.73 -12.55 -11.30
N ILE B 159 8.51 -12.48 -11.85
CA ILE B 159 8.12 -11.53 -12.92
C ILE B 159 7.24 -10.45 -12.30
N PRO B 160 7.55 -9.15 -12.50
CA PRO B 160 6.70 -8.08 -11.98
C PRO B 160 5.38 -8.05 -12.77
N ARG B 161 4.27 -7.83 -12.05
CA ARG B 161 2.93 -7.63 -12.65
C ARG B 161 2.48 -6.18 -12.48
N LEU B 162 2.05 -5.56 -13.59
CA LEU B 162 1.36 -4.27 -13.65
C LEU B 162 -0.15 -4.51 -13.80
N VAL B 163 -0.93 -3.68 -13.11
CA VAL B 163 -2.41 -3.67 -13.22
C VAL B 163 -2.80 -2.62 -14.25
N PHE B 164 -3.67 -2.97 -15.17
CA PHE B 164 -4.32 -1.99 -16.09
C PHE B 164 -5.84 -2.02 -15.94
N HIS B 165 -6.44 -0.85 -15.67
CA HIS B 165 -7.92 -0.70 -15.47
C HIS B 165 -8.58 -0.05 -16.68
N GLY B 166 -7.88 0.84 -17.40
CA GLY B 166 -8.46 1.58 -18.53
C GLY B 166 -9.44 2.66 -18.08
N THR B 167 -9.29 3.21 -16.86
CA THR B 167 -10.07 4.39 -16.38
C THR B 167 -9.14 5.51 -15.86
N SER B 168 -9.79 6.58 -15.43
CA SER B 168 -9.13 7.82 -14.96
C SER B 168 -8.48 7.64 -13.58
N PHE B 169 -7.47 8.44 -13.25
CA PHE B 169 -6.95 8.51 -11.86
C PHE B 169 -8.11 8.86 -10.93
N PHE B 170 -8.94 9.82 -11.34
CA PHE B 170 -10.07 10.29 -10.51
C PHE B 170 -10.89 9.08 -10.08
N SER B 171 -11.31 8.23 -11.01
CA SER B 171 -12.17 7.05 -10.73
C SER B 171 -11.45 6.07 -9.79
N LEU B 172 -10.17 5.82 -10.04
CA LEU B 172 -9.35 4.88 -9.23
C LEU B 172 -9.32 5.38 -7.77
N CYS B 173 -9.18 6.68 -7.57
CA CYS B 173 -9.15 7.34 -6.23
C CYS B 173 -10.54 7.31 -5.60
N ALA B 174 -11.58 7.73 -6.34
CA ALA B 174 -12.95 7.87 -5.83
C ALA B 174 -13.46 6.50 -5.36
N LEU B 175 -13.25 5.48 -6.17
CA LEU B 175 -13.77 4.12 -5.88
C LEU B 175 -13.13 3.66 -4.58
N GLU B 176 -11.85 3.93 -4.44
CA GLU B 176 -11.06 3.44 -3.29
C GLU B 176 -11.48 4.20 -2.03
N VAL B 177 -11.70 5.52 -2.10
CA VAL B 177 -12.14 6.28 -0.89
C VAL B 177 -13.54 5.83 -0.52
N VAL B 178 -14.41 5.55 -1.48
CA VAL B 178 -15.78 5.04 -1.19
C VAL B 178 -15.67 3.65 -0.55
N ARG B 179 -14.81 2.77 -1.07
CA ARG B 179 -14.68 1.40 -0.55
C ARG B 179 -14.19 1.43 0.91
N LEU B 180 -13.21 2.27 1.19
CA LEU B 180 -12.52 2.25 2.51
C LEU B 180 -13.35 3.00 3.56
N TYR B 181 -13.96 4.15 3.20
CA TYR B 181 -14.57 5.08 4.18
C TYR B 181 -16.10 4.91 4.20
N GLU B 182 -16.68 4.21 3.23
CA GLU B 182 -18.14 3.89 3.14
C GLU B 182 -19.01 5.09 3.54
N PRO B 183 -18.83 6.28 2.93
CA PRO B 183 -19.53 7.50 3.34
C PRO B 183 -21.06 7.38 3.22
N HIS B 184 -21.50 6.41 2.43
CA HIS B 184 -22.92 6.14 2.10
C HIS B 184 -23.66 5.36 3.20
N LYS B 185 -22.94 4.82 4.19
CA LYS B 185 -23.55 4.13 5.37
C LYS B 185 -24.11 5.16 6.35
N ASN B 186 -23.60 6.39 6.33
CA ASN B 186 -24.02 7.50 7.24
C ASN B 186 -25.02 8.41 6.52
N VAL B 187 -25.91 7.84 5.69
CA VAL B 187 -27.05 8.60 5.07
C VAL B 187 -28.32 7.81 5.36
N SER B 188 -29.50 8.40 5.12
CA SER B 188 -30.81 7.86 5.54
C SER B 188 -31.84 7.83 4.40
N SER B 189 -31.55 8.42 3.24
CA SER B 189 -32.43 8.40 2.05
C SER B 189 -31.63 8.14 0.76
N ASP B 190 -32.34 7.80 -0.33
CA ASP B 190 -31.80 7.46 -1.67
C ASP B 190 -30.99 8.63 -2.25
N GLU B 191 -31.40 9.88 -2.01
CA GLU B 191 -30.91 11.10 -2.72
C GLU B 191 -30.08 11.97 -1.77
N GLU B 192 -29.85 11.54 -0.53
CA GLU B 192 -29.04 12.32 0.43
C GLU B 192 -27.59 12.37 -0.07
N LEU B 193 -27.04 13.58 -0.18
CA LEU B 193 -25.66 13.85 -0.68
C LEU B 193 -24.64 13.59 0.43
N PHE B 194 -23.55 12.88 0.11
CA PHE B 194 -22.35 12.72 0.96
C PHE B 194 -21.13 13.15 0.15
N SER B 195 -20.13 13.71 0.83
CA SER B 195 -18.83 14.14 0.25
C SER B 195 -17.90 12.92 0.13
N LEU B 196 -17.05 12.89 -0.90
CA LEU B 196 -15.92 11.95 -0.97
C LEU B 196 -14.85 12.45 -0.01
N PRO B 197 -14.50 11.66 1.01
CA PRO B 197 -13.68 12.10 2.15
C PRO B 197 -12.36 12.89 2.18
N LEU B 198 -11.29 12.51 1.47
CA LEU B 198 -9.98 13.17 1.69
C LEU B 198 -9.60 14.00 0.45
N PHE B 199 -10.47 14.01 -0.54
CA PHE B 199 -10.21 14.54 -1.92
C PHE B 199 -9.92 16.04 -1.85
N PRO B 200 -9.07 16.54 -2.76
CA PRO B 200 -8.75 17.96 -2.83
C PRO B 200 -9.84 18.82 -3.51
N HIS B 201 -10.86 18.17 -4.09
CA HIS B 201 -12.11 18.82 -4.55
C HIS B 201 -13.25 18.28 -3.72
N ASP B 202 -14.33 19.06 -3.58
CA ASP B 202 -15.54 18.66 -2.85
C ASP B 202 -16.46 17.97 -3.87
N ILE B 203 -16.62 16.66 -3.72
CA ILE B 203 -17.42 15.85 -4.69
C ILE B 203 -18.58 15.25 -3.92
N LYS B 204 -19.79 15.59 -4.33
CA LYS B 204 -20.99 15.06 -3.65
C LYS B 204 -21.57 13.96 -4.55
N MET B 205 -21.92 12.83 -3.93
CA MET B 205 -22.74 11.76 -4.54
C MET B 205 -23.91 11.39 -3.60
N MET B 206 -24.83 10.65 -4.19
CA MET B 206 -25.97 9.97 -3.52
C MET B 206 -25.82 8.47 -3.75
N ARG B 207 -26.44 7.66 -2.90
CA ARG B 207 -26.52 6.19 -3.01
C ARG B 207 -27.01 5.77 -4.40
N LEU B 208 -27.97 6.49 -5.00
CA LEU B 208 -28.56 6.13 -6.33
C LEU B 208 -27.44 5.90 -7.36
N GLN B 209 -26.33 6.63 -7.22
CA GLN B 209 -25.21 6.68 -8.20
C GLN B 209 -24.25 5.51 -7.98
N LEU B 210 -24.46 4.69 -6.94
CA LEU B 210 -23.62 3.52 -6.60
C LEU B 210 -24.39 2.24 -6.94
N PRO B 211 -23.68 1.15 -7.30
CA PRO B 211 -24.32 -0.14 -7.54
C PRO B 211 -25.09 -0.60 -6.28
N GLU B 212 -26.25 -1.24 -6.48
CA GLU B 212 -27.19 -1.60 -5.38
C GLU B 212 -26.59 -2.68 -4.47
N ASP B 213 -25.59 -3.46 -4.91
CA ASP B 213 -24.89 -4.45 -4.05
C ASP B 213 -24.19 -3.68 -2.90
N VAL B 214 -23.45 -2.62 -3.21
CA VAL B 214 -22.58 -1.91 -2.23
C VAL B 214 -23.43 -1.21 -1.14
N TRP B 215 -24.61 -0.67 -1.46
CA TRP B 215 -25.35 0.24 -0.53
C TRP B 215 -26.61 -0.40 0.08
N LYS B 216 -27.36 -1.24 -0.66
CA LYS B 216 -28.69 -1.76 -0.22
C LYS B 216 -28.54 -3.17 0.37
N HIS B 217 -28.36 -4.18 -0.48
CA HIS B 217 -28.25 -5.62 -0.07
C HIS B 217 -26.83 -6.12 -0.33
N GLU B 218 -25.96 -6.11 0.71
CA GLU B 218 -24.53 -6.52 0.61
C GLU B 218 -24.42 -7.94 0.04
N LYS B 219 -23.75 -8.08 -1.12
CA LYS B 219 -23.52 -9.34 -1.87
C LYS B 219 -22.01 -9.59 -2.01
N ALA B 220 -21.47 -10.47 -1.17
CA ALA B 220 -20.01 -10.71 -0.98
C ALA B 220 -19.31 -10.92 -2.33
N GLU B 221 -19.97 -11.51 -3.34
CA GLU B 221 -19.36 -11.85 -4.67
C GLU B 221 -18.77 -10.59 -5.31
N GLY B 222 -19.65 -9.65 -5.71
CA GLY B 222 -19.25 -8.35 -6.28
C GLY B 222 -18.35 -7.58 -5.33
N LYS B 223 -18.63 -7.65 -4.03
CA LYS B 223 -17.89 -6.90 -2.99
C LYS B 223 -16.48 -7.52 -2.83
N THR B 224 -16.38 -8.84 -2.84
CA THR B 224 -15.07 -9.53 -2.73
C THR B 224 -14.27 -9.26 -4.00
N ARG B 225 -14.93 -9.23 -5.16
CA ARG B 225 -14.26 -8.99 -6.46
C ARG B 225 -13.60 -7.60 -6.43
N LEU B 226 -14.34 -6.57 -6.03
CA LEU B 226 -13.80 -5.19 -5.99
C LEU B 226 -12.66 -5.10 -4.98
N LYS B 227 -12.81 -5.73 -3.82
CA LYS B 227 -11.77 -5.73 -2.75
C LYS B 227 -10.48 -6.28 -3.33
N LEU B 228 -10.53 -7.43 -3.99
CA LEU B 228 -9.31 -8.08 -4.53
C LEU B 228 -8.73 -7.23 -5.66
N ILE B 229 -9.57 -6.58 -6.48
CA ILE B 229 -9.06 -5.70 -7.57
C ILE B 229 -8.27 -4.54 -6.93
N LYS B 230 -8.86 -3.85 -5.95
CA LYS B 230 -8.23 -2.62 -5.39
C LYS B 230 -6.98 -3.02 -4.60
N GLU B 231 -7.03 -4.15 -3.90
CA GLU B 231 -5.85 -4.68 -3.17
C GLU B 231 -4.73 -5.03 -4.15
N SER B 232 -5.04 -5.50 -5.36
CA SER B 232 -4.00 -5.87 -6.35
C SER B 232 -3.14 -4.64 -6.68
N GLU B 233 -3.69 -3.44 -6.54
CA GLU B 233 -2.98 -2.19 -6.92
C GLU B 233 -1.77 -2.00 -6.01
N LEU B 234 -1.87 -2.40 -4.74
CA LEU B 234 -0.74 -2.27 -3.76
C LEU B 234 0.10 -3.54 -3.77
N LYS B 235 -0.51 -4.72 -4.00
CA LYS B 235 0.21 -6.03 -3.90
C LYS B 235 1.12 -6.23 -5.12
N SER B 236 0.79 -5.60 -6.25
CA SER B 236 1.49 -5.80 -7.55
C SER B 236 2.68 -4.85 -7.61
N TYR B 237 3.43 -4.87 -8.70
CA TYR B 237 4.58 -3.95 -8.89
C TYR B 237 4.06 -2.51 -9.07
N GLY B 238 2.88 -2.35 -9.66
CA GLY B 238 2.26 -1.05 -9.83
C GLY B 238 1.17 -1.03 -10.88
N VAL B 239 0.80 0.17 -11.30
CA VAL B 239 -0.44 0.45 -12.07
C VAL B 239 -0.04 1.26 -13.29
N ILE B 240 -0.39 0.76 -14.49
CA ILE B 240 -0.32 1.59 -15.73
C ILE B 240 -1.67 2.29 -15.89
N VAL B 241 -1.65 3.59 -16.17
CA VAL B 241 -2.91 4.39 -16.24
C VAL B 241 -3.01 5.07 -17.61
N ASN B 242 -4.14 4.86 -18.26
CA ASN B 242 -4.52 5.52 -19.53
C ASN B 242 -5.01 6.93 -19.20
N SER B 243 -4.12 7.80 -18.77
CA SER B 243 -4.43 9.22 -18.52
C SER B 243 -3.12 10.00 -18.66
N PHE B 244 -3.23 11.32 -18.69
CA PHE B 244 -2.04 12.20 -18.69
C PHE B 244 -2.07 13.08 -17.44
N TYR B 245 -0.87 13.27 -16.88
CA TYR B 245 -0.68 13.96 -15.59
C TYR B 245 -1.43 15.30 -15.61
N GLU B 246 -1.26 16.07 -16.67
CA GLU B 246 -1.74 17.47 -16.77
C GLU B 246 -3.27 17.51 -16.82
N LEU B 247 -3.93 16.40 -17.21
CA LEU B 247 -5.41 16.27 -17.19
C LEU B 247 -5.95 16.30 -15.77
N GLU B 248 -5.37 15.58 -14.83
CA GLU B 248 -5.94 15.41 -13.48
C GLU B 248 -4.81 15.35 -12.46
N PRO B 249 -3.97 16.41 -12.36
CA PRO B 249 -2.75 16.38 -11.55
C PRO B 249 -2.98 16.00 -10.08
N ASN B 250 -4.05 16.51 -9.47
CA ASN B 250 -4.36 16.27 -8.03
C ASN B 250 -4.64 14.80 -7.78
N TYR B 251 -5.16 14.07 -8.77
CA TYR B 251 -5.55 12.64 -8.64
C TYR B 251 -4.42 11.73 -9.09
N ALA B 252 -3.63 12.15 -10.07
CA ALA B 252 -2.35 11.47 -10.40
C ALA B 252 -1.48 11.43 -9.12
N GLU B 253 -1.46 12.53 -8.35
CA GLU B 253 -0.65 12.61 -7.11
C GLU B 253 -1.34 11.82 -6.00
N PHE B 254 -2.64 11.99 -5.84
CA PHE B 254 -3.42 11.40 -4.73
C PHE B 254 -3.30 9.86 -4.77
N PHE B 255 -3.38 9.31 -5.98
CA PHE B 255 -3.28 7.85 -6.20
C PHE B 255 -1.93 7.33 -5.72
N ARG B 256 -0.88 8.11 -5.93
CA ARG B 256 0.52 7.72 -5.61
C ARG B 256 0.84 8.08 -4.13
N LYS B 257 0.34 9.19 -3.61
CA LYS B 257 0.75 9.69 -2.28
C LYS B 257 -0.22 9.16 -1.23
N GLU B 258 -1.42 9.74 -1.14
CA GLU B 258 -2.45 9.34 -0.16
C GLU B 258 -2.76 7.84 -0.27
N LEU B 259 -2.84 7.28 -1.49
CA LEU B 259 -3.29 5.87 -1.63
C LEU B 259 -2.08 4.95 -1.86
N GLY B 260 -0.87 5.49 -2.03
CA GLY B 260 0.37 4.71 -1.96
C GLY B 260 0.64 3.82 -3.15
N ARG B 261 -0.01 4.04 -4.31
CA ARG B 261 0.21 3.18 -5.50
C ARG B 261 1.48 3.66 -6.21
N ARG B 262 2.21 2.74 -6.81
CA ARG B 262 3.26 3.05 -7.80
C ARG B 262 2.56 3.05 -9.16
N ALA B 263 2.64 4.14 -9.90
CA ALA B 263 1.82 4.30 -11.11
C ALA B 263 2.60 5.01 -12.20
N TRP B 264 2.26 4.73 -13.44
CA TRP B 264 2.78 5.47 -14.60
C TRP B 264 1.55 5.91 -15.42
N ASN B 265 1.56 7.16 -15.81
CA ASN B 265 0.53 7.73 -16.71
C ASN B 265 1.10 7.78 -18.12
N ILE B 266 0.51 7.04 -19.06
CA ILE B 266 1.11 6.89 -20.43
C ILE B 266 0.08 7.17 -21.53
N GLY B 267 -1.02 7.80 -21.20
CA GLY B 267 -2.13 8.02 -22.14
C GLY B 267 -2.18 9.47 -22.62
N PRO B 268 -3.17 9.86 -23.46
CA PRO B 268 -4.16 8.92 -23.99
C PRO B 268 -3.53 7.93 -24.96
N VAL B 269 -3.70 6.63 -24.72
CA VAL B 269 -2.93 5.60 -25.45
C VAL B 269 -3.40 5.51 -26.92
N SER B 270 -4.60 5.98 -27.24
CA SER B 270 -5.16 5.95 -28.62
C SER B 270 -4.39 6.90 -29.57
N LEU B 271 -3.58 7.81 -29.05
CA LEU B 271 -2.79 8.75 -29.90
C LEU B 271 -1.52 8.07 -30.40
N CYS B 272 -1.25 6.80 -30.06
CA CYS B 272 0.06 6.13 -30.28
C CYS B 272 0.46 6.14 -31.76
N ASN B 273 -0.40 5.61 -32.64
CA ASN B 273 -0.11 5.47 -34.09
C ASN B 273 0.03 6.87 -34.70
N ARG B 274 -0.81 7.78 -34.22
CA ARG B 274 -1.06 9.11 -34.81
C ARG B 274 0.04 10.05 -34.34
N HIS B 291 -17.69 8.46 -44.07
CA HIS B 291 -17.08 9.32 -45.13
C HIS B 291 -18.13 10.25 -45.73
N GLU B 292 -19.38 9.77 -45.92
CA GLU B 292 -20.49 10.63 -46.43
C GLU B 292 -20.85 11.66 -45.34
N CYS B 293 -20.82 11.25 -44.07
CA CYS B 293 -21.12 12.10 -42.89
C CYS B 293 -20.08 13.22 -42.80
N LEU B 294 -18.84 12.98 -43.22
CA LEU B 294 -17.76 14.01 -43.19
C LEU B 294 -17.94 15.03 -44.32
N LYS B 295 -18.29 14.59 -45.54
CA LYS B 295 -18.73 15.47 -46.66
C LYS B 295 -19.91 16.33 -46.16
N TRP B 296 -20.88 15.71 -45.48
CA TRP B 296 -22.09 16.37 -44.92
C TRP B 296 -21.71 17.50 -43.96
N LEU B 297 -20.65 17.29 -43.16
CA LEU B 297 -20.19 18.20 -42.08
C LEU B 297 -19.44 19.39 -42.66
N ASN B 298 -18.68 19.21 -43.75
CA ASN B 298 -17.87 20.26 -44.41
C ASN B 298 -18.80 21.45 -44.74
N SER B 299 -20.07 21.18 -45.01
CA SER B 299 -21.06 22.23 -45.39
C SER B 299 -21.46 23.11 -44.19
N LYS B 300 -21.06 22.79 -42.96
CA LYS B 300 -21.71 23.33 -41.74
C LYS B 300 -20.84 24.36 -41.02
N LYS B 301 -21.46 25.19 -40.19
CA LYS B 301 -20.75 26.20 -39.36
C LYS B 301 -19.89 25.46 -38.33
N LYS B 302 -18.74 26.05 -37.97
CA LYS B 302 -17.90 25.57 -36.84
C LYS B 302 -18.77 25.40 -35.58
N ASN B 303 -18.61 24.28 -34.85
CA ASN B 303 -19.25 24.07 -33.51
C ASN B 303 -20.77 24.11 -33.58
N SER B 304 -21.35 23.75 -34.72
CA SER B 304 -22.81 23.84 -34.97
C SER B 304 -23.49 22.49 -34.75
N VAL B 305 -22.75 21.38 -34.76
CA VAL B 305 -23.33 20.00 -34.84
C VAL B 305 -23.07 19.25 -33.53
N ILE B 306 -24.08 18.51 -33.03
CA ILE B 306 -24.01 17.62 -31.85
C ILE B 306 -23.82 16.20 -32.36
N TYR B 307 -22.81 15.50 -31.83
CA TYR B 307 -22.56 14.07 -32.10
C TYR B 307 -23.08 13.26 -30.92
N ILE B 308 -23.90 12.24 -31.18
CA ILE B 308 -24.44 11.36 -30.11
C ILE B 308 -24.00 9.94 -30.42
N CYS B 309 -23.23 9.32 -29.54
CA CYS B 309 -22.76 7.92 -29.76
C CYS B 309 -22.40 7.31 -28.40
N PHE B 310 -23.04 6.21 -28.03
CA PHE B 310 -23.11 5.68 -26.65
C PHE B 310 -22.17 4.48 -26.51
N GLY B 311 -21.65 4.01 -27.66
CA GLY B 311 -20.66 2.92 -27.75
C GLY B 311 -21.34 1.58 -27.97
N SER B 312 -20.56 0.50 -27.94
CA SER B 312 -21.02 -0.90 -28.15
C SER B 312 -21.61 -1.50 -26.87
N THR B 313 -21.11 -1.09 -25.69
CA THR B 313 -21.63 -1.50 -24.35
C THR B 313 -23.07 -1.04 -24.21
N ALA B 314 -23.40 0.15 -24.70
CA ALA B 314 -24.74 0.78 -24.60
C ALA B 314 -25.82 -0.14 -25.19
N HIS B 315 -26.82 -0.49 -24.36
CA HIS B 315 -28.03 -1.28 -24.70
C HIS B 315 -29.23 -0.32 -24.63
N GLN B 316 -29.68 0.17 -25.81
CA GLN B 316 -30.66 1.30 -25.93
C GLN B 316 -32.06 0.76 -26.24
N ILE B 317 -33.04 1.03 -25.38
CA ILE B 317 -34.43 0.51 -25.55
C ILE B 317 -35.22 1.54 -26.36
N ALA B 318 -36.20 1.05 -27.09
CA ALA B 318 -37.08 1.83 -27.99
C ALA B 318 -37.61 3.10 -27.31
N PRO B 319 -38.21 3.02 -26.09
CA PRO B 319 -38.73 4.22 -25.43
C PRO B 319 -37.66 5.30 -25.18
N GLN B 320 -36.43 4.89 -24.87
CA GLN B 320 -35.32 5.83 -24.61
C GLN B 320 -34.97 6.51 -25.93
N LEU B 321 -34.80 5.75 -27.01
CA LEU B 321 -34.43 6.30 -28.35
C LEU B 321 -35.50 7.32 -28.75
N TYR B 322 -36.76 7.03 -28.45
CA TYR B 322 -37.91 7.89 -28.81
C TYR B 322 -37.74 9.25 -28.14
N GLU B 323 -37.36 9.29 -26.86
CA GLU B 323 -37.22 10.56 -26.10
C GLU B 323 -36.06 11.38 -26.67
N ILE B 324 -34.98 10.72 -27.08
CA ILE B 324 -33.80 11.37 -27.71
C ILE B 324 -34.26 12.02 -29.02
N ALA B 325 -35.00 11.29 -29.85
CA ALA B 325 -35.47 11.78 -31.16
C ALA B 325 -36.27 13.08 -30.97
N MET B 326 -37.23 13.07 -30.05
CA MET B 326 -38.10 14.23 -29.78
C MET B 326 -37.24 15.40 -29.26
N ALA B 327 -36.27 15.14 -28.38
CA ALA B 327 -35.39 16.18 -27.79
C ALA B 327 -34.56 16.81 -28.90
N LEU B 328 -34.05 16.00 -29.82
CA LEU B 328 -33.18 16.52 -30.91
C LEU B 328 -34.00 17.46 -31.79
N GLU B 329 -35.20 17.04 -32.19
CA GLU B 329 -36.12 17.85 -33.02
C GLU B 329 -36.40 19.18 -32.29
N ALA B 330 -36.82 19.11 -31.03
CA ALA B 330 -37.23 20.27 -30.21
C ALA B 330 -36.06 21.23 -29.95
N SER B 331 -34.82 20.74 -29.87
CA SER B 331 -33.60 21.52 -29.53
C SER B 331 -33.26 22.47 -30.67
N GLY B 332 -33.67 22.15 -31.89
CA GLY B 332 -33.33 22.90 -33.12
C GLY B 332 -31.89 22.68 -33.56
N GLN B 333 -31.13 21.88 -32.79
CA GLN B 333 -29.67 21.71 -33.00
C GLN B 333 -29.45 20.71 -34.13
N GLU B 334 -28.48 20.98 -34.99
CA GLU B 334 -28.06 20.04 -36.05
C GLU B 334 -27.30 18.89 -35.34
N PHE B 335 -27.39 17.67 -35.87
CA PHE B 335 -26.89 16.47 -35.13
C PHE B 335 -26.49 15.34 -36.08
N ILE B 336 -25.55 14.54 -35.61
CA ILE B 336 -25.19 13.19 -36.13
C ILE B 336 -25.44 12.22 -34.96
N TRP B 337 -26.40 11.32 -35.14
CA TRP B 337 -26.92 10.40 -34.10
C TRP B 337 -26.59 8.96 -34.53
N VAL B 338 -25.72 8.29 -33.79
CA VAL B 338 -25.32 6.91 -34.08
C VAL B 338 -26.21 6.01 -33.23
N VAL B 339 -26.97 5.13 -33.88
CA VAL B 339 -27.86 4.10 -33.26
C VAL B 339 -27.30 2.70 -33.60
N ARG B 340 -27.39 1.77 -32.65
CA ARG B 340 -27.13 0.31 -32.85
C ARG B 340 -28.46 -0.39 -33.15
N ASP B 351 -40.26 0.51 -37.04
CA ASP B 351 -39.54 1.51 -36.20
C ASP B 351 -40.58 2.29 -35.37
N SER B 352 -41.01 1.69 -34.26
CA SER B 352 -41.99 2.25 -33.29
C SER B 352 -41.38 3.40 -32.49
N TRP B 353 -40.03 3.52 -32.53
CA TRP B 353 -39.22 4.46 -31.70
C TRP B 353 -38.87 5.76 -32.44
N LEU B 354 -39.26 5.91 -33.72
CA LEU B 354 -39.17 7.23 -34.43
C LEU B 354 -40.53 7.91 -34.53
N PRO B 355 -40.65 9.20 -34.14
CA PRO B 355 -41.85 9.97 -34.44
C PRO B 355 -42.10 9.94 -35.95
N ARG B 356 -43.36 9.86 -36.37
CA ARG B 356 -43.75 9.86 -37.80
C ARG B 356 -43.29 11.19 -38.39
N GLY B 357 -42.58 11.14 -39.53
CA GLY B 357 -42.11 12.32 -40.28
C GLY B 357 -40.81 12.88 -39.71
N PHE B 358 -40.14 12.14 -38.82
CA PHE B 358 -38.85 12.56 -38.20
C PHE B 358 -37.82 12.79 -39.31
N GLU B 359 -37.56 11.71 -40.05
CA GLU B 359 -36.47 11.58 -41.05
C GLU B 359 -36.67 12.70 -42.10
N GLN B 360 -37.92 13.00 -42.45
CA GLN B 360 -38.27 14.03 -43.47
C GLN B 360 -38.06 15.42 -42.88
N ARG B 361 -38.56 15.65 -41.64
CA ARG B 361 -38.45 16.99 -41.00
C ARG B 361 -36.96 17.39 -40.82
N VAL B 362 -36.04 16.44 -40.58
CA VAL B 362 -34.66 16.83 -40.15
C VAL B 362 -33.69 16.79 -41.31
N GLU B 363 -34.16 16.54 -42.55
CA GLU B 363 -33.36 16.35 -43.80
C GLU B 363 -32.10 17.26 -43.89
N GLY B 364 -32.22 18.54 -43.58
CA GLY B 364 -31.04 19.44 -43.66
C GLY B 364 -30.13 19.34 -42.43
N LYS B 365 -30.78 19.09 -41.29
CA LYS B 365 -30.26 19.39 -39.93
C LYS B 365 -29.65 18.15 -39.25
N GLY B 366 -30.21 16.94 -39.48
CA GLY B 366 -29.93 15.74 -38.69
C GLY B 366 -29.55 14.58 -39.57
N LEU B 367 -28.56 13.81 -39.14
CA LEU B 367 -28.14 12.57 -39.81
C LEU B 367 -28.24 11.43 -38.79
N ILE B 368 -28.96 10.37 -39.11
CA ILE B 368 -28.95 9.14 -38.27
C ILE B 368 -28.05 8.13 -38.96
N ILE B 369 -27.03 7.65 -38.27
CA ILE B 369 -26.15 6.56 -38.75
C ILE B 369 -26.55 5.30 -38.00
N ARG B 370 -26.91 4.23 -38.72
CA ARG B 370 -27.12 2.89 -38.11
C ARG B 370 -25.80 2.11 -38.16
N GLY B 371 -25.11 1.99 -37.02
CA GLY B 371 -23.94 1.10 -36.90
C GLY B 371 -22.63 1.85 -36.78
N TRP B 372 -21.65 1.50 -37.61
CA TRP B 372 -20.27 2.02 -37.57
C TRP B 372 -20.27 3.48 -38.04
N ALA B 373 -19.72 4.37 -37.23
CA ALA B 373 -19.32 5.76 -37.61
C ALA B 373 -17.81 5.90 -37.51
N PRO B 374 -17.15 6.71 -38.37
CA PRO B 374 -15.75 7.07 -38.17
C PRO B 374 -15.59 8.12 -37.06
N GLN B 375 -15.71 7.64 -35.81
CA GLN B 375 -15.93 8.42 -34.57
C GLN B 375 -14.87 9.52 -34.43
N VAL B 376 -13.60 9.15 -34.50
CA VAL B 376 -12.45 10.08 -34.29
C VAL B 376 -12.54 11.18 -35.35
N LEU B 377 -12.71 10.80 -36.61
CA LEU B 377 -12.74 11.78 -37.73
C LEU B 377 -13.92 12.73 -37.51
N ILE B 378 -15.05 12.20 -37.03
CA ILE B 378 -16.25 13.05 -36.77
C ILE B 378 -15.95 14.00 -35.60
N LEU B 379 -15.46 13.49 -34.46
CA LEU B 379 -15.25 14.33 -33.26
C LEU B 379 -14.24 15.44 -33.59
N GLU B 380 -13.24 15.15 -34.44
CA GLU B 380 -12.13 16.11 -34.75
C GLU B 380 -12.55 17.08 -35.86
N HIS B 381 -13.71 16.89 -36.47
CA HIS B 381 -14.28 17.86 -37.46
C HIS B 381 -14.65 19.17 -36.77
N GLU B 382 -14.26 20.29 -37.38
CA GLU B 382 -14.54 21.67 -36.89
C GLU B 382 -16.04 21.88 -36.66
N ALA B 383 -16.91 21.20 -37.40
CA ALA B 383 -18.39 21.42 -37.36
C ALA B 383 -18.98 20.88 -36.05
N ILE B 384 -18.32 19.92 -35.41
CA ILE B 384 -18.79 19.26 -34.15
C ILE B 384 -18.48 20.14 -32.93
N GLY B 385 -19.55 20.60 -32.30
CA GLY B 385 -19.53 21.47 -31.11
C GLY B 385 -19.85 20.73 -29.79
N ALA B 386 -20.35 19.49 -29.83
CA ALA B 386 -20.63 18.75 -28.60
C ALA B 386 -20.77 17.25 -28.88
N PHE B 387 -20.63 16.48 -27.81
CA PHE B 387 -20.57 15.00 -27.80
C PHE B 387 -21.44 14.50 -26.64
N VAL B 388 -22.52 13.81 -26.98
CA VAL B 388 -23.36 13.06 -26.01
C VAL B 388 -22.80 11.64 -25.87
N THR B 389 -22.37 11.33 -24.66
CA THR B 389 -21.66 10.08 -24.28
C THR B 389 -22.21 9.51 -22.97
N HIS B 390 -21.91 8.22 -22.75
CA HIS B 390 -22.22 7.53 -21.47
C HIS B 390 -21.17 7.83 -20.39
N CYS B 391 -20.08 8.46 -20.79
CA CYS B 391 -18.90 8.76 -19.94
C CYS B 391 -18.08 7.53 -19.57
N GLY B 392 -18.15 6.45 -20.32
CA GLY B 392 -17.03 5.51 -20.34
C GLY B 392 -15.75 6.27 -20.58
N TRP B 393 -14.67 5.80 -19.99
CA TRP B 393 -13.34 6.49 -20.07
C TRP B 393 -12.79 6.57 -21.50
N ASN B 394 -12.93 5.53 -22.33
CA ASN B 394 -12.42 5.60 -23.74
C ASN B 394 -13.12 6.75 -24.48
N SER B 395 -14.44 6.84 -24.36
CA SER B 395 -15.25 7.89 -25.00
C SER B 395 -14.88 9.26 -24.43
N THR B 396 -14.75 9.33 -23.11
CA THR B 396 -14.42 10.60 -22.40
C THR B 396 -13.08 11.12 -22.90
N LEU B 397 -12.08 10.23 -23.03
CA LEU B 397 -10.72 10.57 -23.52
C LEU B 397 -10.78 11.01 -24.98
N GLU B 398 -11.60 10.38 -25.81
CA GLU B 398 -11.75 10.82 -27.24
C GLU B 398 -12.37 12.23 -27.30
N GLY B 399 -13.30 12.54 -26.42
CA GLY B 399 -13.88 13.90 -26.38
C GLY B 399 -12.79 14.93 -26.00
N ILE B 400 -12.00 14.57 -24.99
CA ILE B 400 -10.88 15.40 -24.50
C ILE B 400 -9.87 15.59 -25.65
N THR B 401 -9.51 14.52 -26.35
CA THR B 401 -8.46 14.55 -27.39
C THR B 401 -8.96 15.37 -28.58
N ALA B 402 -10.27 15.37 -28.83
CA ALA B 402 -10.87 16.14 -29.97
C ALA B 402 -11.17 17.59 -29.55
N GLY B 403 -11.09 17.90 -28.26
CA GLY B 403 -11.42 19.20 -27.67
C GLY B 403 -12.91 19.49 -27.79
N VAL B 404 -13.74 18.47 -27.57
CA VAL B 404 -15.20 18.61 -27.71
C VAL B 404 -15.84 18.55 -26.32
N PRO B 405 -16.63 19.56 -25.95
CA PRO B 405 -17.43 19.47 -24.74
C PRO B 405 -18.48 18.34 -24.82
N MET B 406 -18.89 17.81 -23.68
CA MET B 406 -19.66 16.54 -23.60
C MET B 406 -20.95 16.78 -22.79
N VAL B 407 -22.05 16.20 -23.26
CA VAL B 407 -23.24 15.94 -22.41
C VAL B 407 -23.01 14.57 -21.81
N THR B 408 -23.00 14.48 -20.49
CA THR B 408 -22.61 13.27 -19.76
C THR B 408 -23.90 12.52 -19.44
N TRP B 409 -23.92 11.22 -19.76
CA TRP B 409 -25.05 10.28 -19.52
C TRP B 409 -24.52 8.99 -18.85
N PRO B 410 -24.10 9.05 -17.59
CA PRO B 410 -23.53 7.90 -16.92
C PRO B 410 -24.59 6.80 -16.74
N ILE B 411 -24.20 5.52 -16.72
CA ILE B 411 -25.17 4.39 -16.60
C ILE B 411 -24.71 3.42 -15.51
N PHE B 412 -23.44 3.01 -15.50
CA PHE B 412 -22.92 1.96 -14.61
C PHE B 412 -21.40 2.10 -14.52
N ALA B 413 -20.76 1.05 -14.02
CA ALA B 413 -19.29 0.94 -13.83
C ALA B 413 -18.78 2.23 -13.12
N GLU B 414 -17.73 2.86 -13.66
CA GLU B 414 -17.05 4.04 -13.07
C GLU B 414 -17.64 5.33 -13.66
N GLN B 415 -18.71 5.26 -14.44
CA GLN B 415 -19.18 6.40 -15.27
C GLN B 415 -19.63 7.60 -14.45
N PHE B 416 -20.21 7.43 -13.28
CA PHE B 416 -20.66 8.55 -12.42
C PHE B 416 -19.45 9.29 -11.84
N TYR B 417 -18.31 8.60 -11.63
CA TYR B 417 -17.08 9.29 -11.22
C TYR B 417 -16.53 10.07 -12.42
N ASN B 418 -16.54 9.49 -13.62
CA ASN B 418 -15.99 10.16 -14.83
C ASN B 418 -16.82 11.44 -15.05
N GLU B 419 -18.11 11.37 -14.76
CA GLU B 419 -19.05 12.49 -14.99
C GLU B 419 -18.66 13.62 -14.06
N LYS B 420 -18.30 13.34 -12.80
CA LYS B 420 -17.84 14.36 -11.84
C LYS B 420 -16.54 15.00 -12.36
N LEU B 421 -15.59 14.21 -12.84
CA LEU B 421 -14.33 14.76 -13.39
C LEU B 421 -14.69 15.75 -14.51
N VAL B 422 -15.52 15.34 -15.45
CA VAL B 422 -15.81 16.11 -16.70
C VAL B 422 -16.53 17.42 -16.32
N ASN B 423 -17.49 17.36 -15.42
CA ASN B 423 -18.44 18.49 -15.18
C ASN B 423 -17.89 19.39 -14.09
N GLN B 424 -17.30 18.85 -13.03
CA GLN B 424 -16.99 19.65 -11.81
C GLN B 424 -15.51 20.04 -11.82
N ILE B 425 -14.62 19.22 -12.39
CA ILE B 425 -13.17 19.48 -12.27
C ILE B 425 -12.66 20.05 -13.60
N LEU B 426 -12.89 19.36 -14.71
CA LEU B 426 -12.44 19.83 -16.05
C LEU B 426 -13.34 20.97 -16.50
N LYS B 427 -14.61 20.95 -16.06
CA LYS B 427 -15.70 21.87 -16.43
C LYS B 427 -15.87 21.95 -17.95
N ILE B 428 -15.96 20.80 -18.62
CA ILE B 428 -16.11 20.72 -20.11
C ILE B 428 -17.36 19.94 -20.45
N GLY B 429 -18.28 19.79 -19.52
CA GLY B 429 -19.49 19.01 -19.79
C GLY B 429 -20.71 19.54 -19.05
N VAL B 430 -21.86 18.99 -19.42
CA VAL B 430 -23.19 19.26 -18.84
C VAL B 430 -23.89 17.91 -18.65
N PRO B 431 -24.45 17.64 -17.44
CA PRO B 431 -25.15 16.39 -17.18
C PRO B 431 -26.54 16.33 -17.82
N VAL B 432 -26.92 15.17 -18.34
CA VAL B 432 -28.30 14.96 -18.85
C VAL B 432 -29.26 14.78 -17.66
N GLY B 433 -28.75 14.40 -16.49
CA GLY B 433 -29.56 14.26 -15.28
C GLY B 433 -29.86 12.83 -14.87
N ALA B 434 -29.25 11.84 -15.51
CA ALA B 434 -29.29 10.43 -15.09
C ALA B 434 -28.50 10.29 -13.81
N ASN B 435 -29.11 9.74 -12.76
CA ASN B 435 -28.44 9.60 -11.45
C ASN B 435 -28.58 8.17 -10.91
N LYS B 436 -29.13 7.24 -11.69
CA LYS B 436 -29.36 5.84 -11.26
C LYS B 436 -28.36 4.88 -11.92
N TRP B 437 -27.49 4.27 -11.09
CA TRP B 437 -26.58 3.16 -11.45
C TRP B 437 -27.40 1.91 -11.74
N SER B 438 -27.30 1.38 -12.95
CA SER B 438 -28.07 0.19 -13.37
C SER B 438 -27.41 -0.49 -14.55
N ARG B 439 -27.21 -1.81 -14.48
CA ARG B 439 -26.80 -2.65 -15.65
C ARG B 439 -28.04 -3.17 -16.38
N GLU B 440 -29.24 -2.93 -15.84
CA GLU B 440 -30.57 -3.16 -16.49
C GLU B 440 -31.21 -1.81 -16.85
N THR B 441 -32.07 -1.79 -17.88
CA THR B 441 -32.83 -0.58 -18.32
C THR B 441 -34.31 -0.73 -17.97
N SER B 442 -34.72 -0.25 -16.79
CA SER B 442 -36.16 -0.19 -16.39
C SER B 442 -36.78 1.02 -17.07
N ILE B 443 -38.02 0.88 -17.51
CA ILE B 443 -38.80 1.98 -18.16
C ILE B 443 -38.78 3.20 -17.24
N GLU B 444 -38.69 3.00 -15.93
CA GLU B 444 -38.75 4.09 -14.91
C GLU B 444 -37.48 4.96 -15.01
N ASP B 445 -36.40 4.43 -15.56
CA ASP B 445 -35.05 5.08 -15.56
C ASP B 445 -34.76 5.76 -16.90
N VAL B 446 -35.67 5.66 -17.86
CA VAL B 446 -35.58 6.38 -19.16
C VAL B 446 -35.51 7.89 -18.89
N ILE B 447 -34.54 8.58 -19.50
CA ILE B 447 -34.47 10.06 -19.41
C ILE B 447 -35.44 10.65 -20.45
N LYS B 448 -36.27 11.59 -19.99
CA LYS B 448 -37.40 12.17 -20.76
C LYS B 448 -36.91 13.30 -21.67
N LYS B 449 -37.66 13.55 -22.75
CA LYS B 449 -37.37 14.57 -23.79
C LYS B 449 -36.92 15.91 -23.15
N ASP B 450 -37.64 16.41 -22.14
CA ASP B 450 -37.41 17.77 -21.58
C ASP B 450 -36.00 17.88 -20.96
N ALA B 451 -35.56 16.88 -20.17
CA ALA B 451 -34.22 16.84 -19.56
C ALA B 451 -33.17 16.83 -20.67
N ILE B 452 -33.41 16.01 -21.70
CA ILE B 452 -32.44 15.81 -22.82
C ILE B 452 -32.34 17.13 -23.58
N GLU B 453 -33.47 17.73 -23.94
CA GLU B 453 -33.52 18.99 -24.75
C GLU B 453 -32.75 20.10 -24.01
N LYS B 454 -32.95 20.21 -22.69
CA LYS B 454 -32.28 21.23 -21.83
C LYS B 454 -30.76 21.09 -21.95
N ALA B 455 -30.25 19.85 -21.87
CA ALA B 455 -28.80 19.56 -21.95
C ALA B 455 -28.28 19.85 -23.35
N LEU B 456 -29.03 19.45 -24.39
CA LEU B 456 -28.62 19.68 -25.83
C LEU B 456 -28.50 21.19 -26.08
N ARG B 457 -29.43 21.99 -25.55
CA ARG B 457 -29.43 23.46 -25.75
C ARG B 457 -28.24 24.04 -24.97
N GLU B 458 -28.08 23.65 -23.71
CA GLU B 458 -27.05 24.20 -22.78
C GLU B 458 -25.65 23.99 -23.39
N ILE B 459 -25.37 22.80 -23.92
CA ILE B 459 -23.99 22.44 -24.37
C ILE B 459 -23.67 23.21 -25.66
N MET B 460 -24.68 23.68 -26.37
CA MET B 460 -24.47 24.36 -27.68
C MET B 460 -24.52 25.89 -27.48
N VAL B 461 -25.47 26.43 -26.72
CA VAL B 461 -25.71 27.91 -26.70
C VAL B 461 -25.94 28.46 -25.29
N GLY B 462 -25.80 27.61 -24.26
CA GLY B 462 -25.94 28.02 -22.87
C GLY B 462 -24.90 29.05 -22.54
N ASP B 463 -24.99 29.71 -21.38
CA ASP B 463 -24.15 30.91 -21.10
C ASP B 463 -22.65 30.55 -21.17
N GLU B 464 -22.21 29.43 -20.56
CA GLU B 464 -20.81 29.00 -20.43
C GLU B 464 -20.42 27.98 -21.51
N ALA B 465 -21.23 27.76 -22.55
CA ALA B 465 -20.93 26.83 -23.67
C ALA B 465 -19.58 27.20 -24.33
N GLU B 466 -19.30 28.48 -24.56
CA GLU B 466 -18.03 28.91 -25.20
C GLU B 466 -16.84 28.65 -24.28
N GLU B 467 -17.02 28.85 -22.99
CA GLU B 467 -15.99 28.64 -21.95
C GLU B 467 -15.65 27.15 -21.90
N ARG B 468 -16.70 26.30 -22.00
CA ARG B 468 -16.49 24.84 -21.99
C ARG B 468 -15.66 24.48 -23.22
N ARG B 469 -15.98 25.06 -24.37
CA ARG B 469 -15.24 24.80 -25.64
C ARG B 469 -13.79 25.27 -25.47
N SER B 470 -13.56 26.43 -24.87
CA SER B 470 -12.18 26.98 -24.69
C SER B 470 -11.41 26.04 -23.74
N ARG B 471 -12.02 25.64 -22.63
CA ARG B 471 -11.39 24.71 -21.67
C ARG B 471 -11.05 23.38 -22.34
N ALA B 472 -11.96 22.83 -23.18
CA ALA B 472 -11.76 21.53 -23.84
C ALA B 472 -10.60 21.64 -24.85
N LYS B 473 -10.50 22.79 -25.53
CA LYS B 473 -9.43 23.04 -26.54
C LYS B 473 -8.07 23.04 -25.84
N LYS B 474 -7.98 23.57 -24.63
CA LYS B 474 -6.74 23.57 -23.82
C LYS B 474 -6.37 22.12 -23.50
N LEU B 475 -7.34 21.30 -23.08
CA LEU B 475 -7.05 19.90 -22.69
C LEU B 475 -6.54 19.14 -23.93
N LYS B 476 -7.17 19.41 -25.08
CA LYS B 476 -6.76 18.80 -26.38
C LYS B 476 -5.26 19.08 -26.57
N GLU B 477 -4.83 20.34 -26.50
CA GLU B 477 -3.41 20.70 -26.73
C GLU B 477 -2.53 19.96 -25.72
N MET B 478 -2.95 19.92 -24.44
CA MET B 478 -2.18 19.28 -23.35
C MET B 478 -2.08 17.76 -23.59
N ALA B 479 -3.13 17.15 -24.16
CA ALA B 479 -3.17 15.70 -24.41
C ALA B 479 -2.11 15.35 -25.45
N TRP B 480 -2.11 16.07 -26.58
CA TRP B 480 -1.13 15.84 -27.68
C TRP B 480 0.28 16.12 -27.15
N LYS B 481 0.47 17.14 -26.32
CA LYS B 481 1.80 17.48 -25.76
C LYS B 481 2.27 16.35 -24.82
N ALA B 482 1.37 15.69 -24.09
CA ALA B 482 1.71 14.59 -23.14
C ALA B 482 2.38 13.41 -23.86
N VAL B 483 1.94 13.13 -25.09
CA VAL B 483 2.25 11.85 -25.81
C VAL B 483 3.45 12.05 -26.75
N GLU B 484 3.74 13.29 -27.14
CA GLU B 484 4.91 13.66 -27.99
C GLU B 484 6.21 13.56 -27.18
N GLU B 485 7.34 13.31 -27.85
CA GLU B 485 8.69 13.30 -27.21
C GLU B 485 8.77 14.49 -26.24
N GLY B 486 9.27 14.26 -25.03
CA GLY B 486 9.42 15.30 -24.00
C GLY B 486 8.17 15.45 -23.13
N GLY B 487 7.03 14.87 -23.55
CA GLY B 487 5.77 14.97 -22.79
C GLY B 487 5.73 14.04 -21.60
N SER B 488 4.85 14.33 -20.66
CA SER B 488 4.68 13.59 -19.38
C SER B 488 4.39 12.10 -19.66
N SER B 489 3.61 11.76 -20.69
CA SER B 489 3.22 10.35 -20.94
C SER B 489 4.36 9.63 -21.65
N TYR B 490 4.97 10.28 -22.65
CA TYR B 490 6.19 9.79 -23.30
C TYR B 490 7.25 9.47 -22.22
N SER B 491 7.43 10.41 -21.28
CA SER B 491 8.47 10.36 -20.22
C SER B 491 8.23 9.23 -19.23
N ASP B 492 7.02 9.10 -18.71
CA ASP B 492 6.66 8.03 -17.73
C ASP B 492 6.79 6.66 -18.44
N LEU B 493 6.47 6.58 -19.74
CA LEU B 493 6.67 5.30 -20.48
C LEU B 493 8.17 4.97 -20.54
N SER B 494 9.03 5.94 -20.89
CA SER B 494 10.51 5.75 -20.87
C SER B 494 10.97 5.26 -19.48
N ALA B 495 10.51 5.93 -18.42
CA ALA B 495 10.87 5.65 -17.01
C ALA B 495 10.46 4.23 -16.64
N LEU B 496 9.25 3.82 -16.98
CA LEU B 496 8.74 2.43 -16.69
C LEU B 496 9.64 1.40 -17.38
N ILE B 497 9.93 1.62 -18.67
CA ILE B 497 10.71 0.62 -19.45
C ILE B 497 12.10 0.53 -18.82
N GLU B 498 12.72 1.68 -18.52
CA GLU B 498 14.07 1.73 -17.91
C GLU B 498 14.03 0.92 -16.62
N GLU B 499 12.98 1.13 -15.82
CA GLU B 499 12.82 0.44 -14.51
C GLU B 499 12.63 -1.07 -14.73
N LEU B 500 11.87 -1.48 -15.73
CA LEU B 500 11.69 -2.93 -16.05
C LEU B 500 13.03 -3.52 -16.49
N ARG B 501 13.82 -2.77 -17.27
CA ARG B 501 15.14 -3.21 -17.79
C ARG B 501 16.11 -3.48 -16.62
N GLY B 502 15.98 -2.75 -15.52
CA GLY B 502 16.91 -2.81 -14.37
C GLY B 502 16.38 -3.65 -13.20
N TYR B 503 15.27 -4.34 -13.36
CA TYR B 503 14.61 -5.13 -12.28
C TYR B 503 15.34 -6.45 -12.00
N HIS B 504 15.73 -6.68 -10.74
CA HIS B 504 16.53 -7.85 -10.27
C HIS B 504 16.06 -8.24 -8.86
#